data_2FOK
#
_entry.id   2FOK
#
_cell.length_a   54.010
_cell.length_b   137.170
_cell.length_c   188.870
_cell.angle_alpha   90.00
_cell.angle_beta   90.00
_cell.angle_gamma   90.00
#
_symmetry.space_group_name_H-M   'P 21 21 21'
#
loop_
_entity.id
_entity.type
_entity.pdbx_description
1 polymer 'FOKI RESTRICTION ENDONUCLEASE'
2 water water
#
_entity_poly.entity_id   1
_entity_poly.type   'polypeptide(L)'
_entity_poly.pdbx_seq_one_letter_code
;MVSKIRTFGWVQNPGKFENLKRVVQVFDRNSKVHNEVKNIKIPTLVKESKIQKELVAIMNQHDLIYTYKELVGTGTSIRS
EAPCDAIIQATIADQGNKKGYIDNWSSDGFLRWAHALGFIEYINKSDSFVITDVGLAYSKSADGSAIEKEILIEAISSYP
PAIRILTLLEDGQHLTKFDLGKNLGFSGESGFTSLPEGILLDTLANAMPKDKGEIRNNWEGSSDKYARMIGGWLDKLGLV
KQGKKEFIIPTLGKPDNKEFISHAFKITGEGLKVLRRAKGSTKFTRVPKRVYWEMLATNLTDKEYVRTRRALILEILIKA
GSLKIEQIQDNLKKLGFDEVIETIENDIKGLINTGIFIEIKGRFYQLKDHILQFVIPNRLGKPDLVKSELEEKKSELRHK
LKYVPHEYIELIEIARNSTQDRILEMKVMEFFMKVYGYRGKHLGGSRKPDGAIYTVGSPIDYGVIVDTKAYSGGYNLPIG
QADEMQRYVEENQTRNKHINPNEWWKVYPSSVTEFKFLFVSGHFKGNYKAQLTRLNHITNCNGAVLSVEELLIGGEMIKA
GTLTLEEVRRKFNNGEINF
;
_entity_poly.pdbx_strand_id   A,B
#
# COMPACT_ATOMS: atom_id res chain seq x y z
N ILE A 5 5.80 21.43 -9.23
CA ILE A 5 6.71 21.73 -8.09
C ILE A 5 7.77 20.62 -7.97
N ARG A 6 9.03 21.01 -8.05
CA ARG A 6 10.14 20.06 -7.97
C ARG A 6 10.87 20.25 -6.66
N THR A 7 11.88 19.42 -6.43
CA THR A 7 12.69 19.45 -5.22
C THR A 7 14.12 19.15 -5.63
N PHE A 8 15.06 20.03 -5.28
CA PHE A 8 16.47 19.84 -5.63
C PHE A 8 17.41 20.21 -4.49
N GLY A 9 18.70 20.00 -4.72
CA GLY A 9 19.73 20.36 -3.74
C GLY A 9 20.07 19.28 -2.75
N TRP A 10 19.38 18.15 -2.83
CA TRP A 10 19.57 17.06 -1.88
C TRP A 10 19.41 15.68 -2.51
N VAL A 11 20.45 14.87 -2.40
CA VAL A 11 20.43 13.52 -2.94
C VAL A 11 20.66 12.52 -1.80
N GLN A 12 19.89 11.44 -1.80
CA GLN A 12 19.97 10.42 -0.75
C GLN A 12 20.64 9.10 -1.09
N ASN A 13 20.53 8.67 -2.35
CA ASN A 13 21.10 7.39 -2.71
C ASN A 13 22.33 7.42 -3.59
N PRO A 14 23.28 6.48 -3.33
CA PRO A 14 24.55 6.33 -4.03
C PRO A 14 24.50 6.13 -5.54
N GLY A 15 25.53 6.66 -6.19
CA GLY A 15 25.67 6.55 -7.63
C GLY A 15 27.15 6.69 -7.97
N LYS A 16 27.55 6.23 -9.15
CA LYS A 16 28.94 6.32 -9.55
C LYS A 16 29.24 7.66 -10.24
N PHE A 17 30.36 8.28 -9.90
CA PHE A 17 30.74 9.56 -10.51
C PHE A 17 30.90 9.38 -12.02
N GLU A 18 31.19 8.13 -12.43
CA GLU A 18 31.37 7.79 -13.84
C GLU A 18 30.00 7.80 -14.51
N ASN A 19 28.96 7.62 -13.72
CA ASN A 19 27.61 7.64 -14.25
C ASN A 19 27.08 9.09 -14.24
N LEU A 20 27.52 9.89 -13.27
CA LEU A 20 27.13 11.29 -13.19
C LEU A 20 27.58 11.98 -14.48
N LYS A 21 28.86 11.78 -14.82
CA LYS A 21 29.45 12.36 -16.01
C LYS A 21 28.65 12.02 -17.26
N ARG A 22 28.37 10.74 -17.48
CA ARG A 22 27.60 10.30 -18.63
C ARG A 22 26.29 11.06 -18.71
N VAL A 23 25.64 11.23 -17.56
CA VAL A 23 24.38 11.97 -17.50
C VAL A 23 24.57 13.39 -18.02
N VAL A 24 25.73 13.98 -17.69
CA VAL A 24 26.07 15.32 -18.12
C VAL A 24 26.45 15.40 -19.60
N GLN A 25 27.22 14.42 -20.06
CA GLN A 25 27.68 14.36 -21.44
C GLN A 25 26.56 14.15 -22.44
N VAL A 26 25.33 14.12 -21.94
CA VAL A 26 24.16 13.91 -22.78
C VAL A 26 23.54 15.24 -23.17
N PHE A 27 23.89 16.29 -22.44
CA PHE A 27 23.38 17.63 -22.75
C PHE A 27 24.38 18.35 -23.66
N ASP A 28 25.51 17.68 -23.93
CA ASP A 28 26.58 18.22 -24.78
C ASP A 28 26.49 17.55 -26.15
N ARG A 29 26.09 18.30 -27.16
CA ARG A 29 25.91 17.80 -28.53
C ARG A 29 27.13 17.18 -29.20
N ASN A 30 28.32 17.58 -28.78
CA ASN A 30 29.54 17.06 -29.38
C ASN A 30 30.28 16.03 -28.53
N SER A 31 29.56 15.24 -27.74
CA SER A 31 30.20 14.22 -26.94
C SER A 31 29.85 12.86 -27.50
N LYS A 32 30.66 11.85 -27.16
CA LYS A 32 30.44 10.48 -27.62
C LYS A 32 29.16 9.88 -27.06
N VAL A 33 28.97 10.02 -25.76
CA VAL A 33 27.81 9.48 -25.07
C VAL A 33 26.50 9.99 -25.64
N HIS A 34 26.46 11.26 -26.01
CA HIS A 34 25.25 11.85 -26.57
C HIS A 34 24.84 11.07 -27.81
N ASN A 35 25.82 10.78 -28.66
CA ASN A 35 25.57 10.04 -29.88
C ASN A 35 25.31 8.58 -29.56
N GLU A 36 26.11 8.02 -28.67
CA GLU A 36 25.97 6.62 -28.27
C GLU A 36 24.56 6.37 -27.76
N VAL A 37 24.09 7.26 -26.91
CA VAL A 37 22.74 7.14 -26.33
C VAL A 37 21.65 7.24 -27.39
N LYS A 38 21.59 8.39 -28.06
CA LYS A 38 20.57 8.62 -29.07
C LYS A 38 20.71 7.75 -30.32
N ASN A 39 21.92 7.27 -30.59
CA ASN A 39 22.16 6.46 -31.79
C ASN A 39 22.22 4.96 -31.55
N ILE A 40 22.20 4.53 -30.29
CA ILE A 40 22.29 3.10 -30.02
C ILE A 40 21.44 2.60 -28.85
N LYS A 41 21.61 3.22 -27.69
CA LYS A 41 20.89 2.83 -26.47
C LYS A 41 19.37 2.97 -26.55
N ILE A 42 18.92 4.12 -27.02
CA ILE A 42 17.48 4.41 -27.10
C ILE A 42 16.73 3.55 -28.13
N PRO A 43 17.19 3.53 -29.39
CA PRO A 43 16.46 2.70 -30.36
C PRO A 43 16.48 1.23 -29.96
N THR A 44 17.41 0.87 -29.09
CA THR A 44 17.56 -0.50 -28.63
C THR A 44 16.71 -0.87 -27.40
N LEU A 45 16.88 -0.11 -26.32
CA LEU A 45 16.15 -0.40 -25.09
C LEU A 45 14.77 0.24 -25.03
N VAL A 46 14.51 1.19 -25.91
CA VAL A 46 13.21 1.86 -25.94
C VAL A 46 12.36 1.24 -27.05
N LYS A 47 11.53 0.28 -26.67
CA LYS A 47 10.67 -0.42 -27.62
C LYS A 47 9.50 0.39 -28.19
N GLU A 48 8.57 0.81 -27.34
CA GLU A 48 7.42 1.60 -27.80
C GLU A 48 7.91 2.66 -28.81
N SER A 49 7.71 2.37 -30.09
CA SER A 49 8.14 3.24 -31.19
C SER A 49 7.90 4.74 -31.04
N LYS A 50 6.67 5.13 -30.72
CA LYS A 50 6.31 6.55 -30.58
C LYS A 50 7.23 7.37 -29.69
N ILE A 51 7.44 6.95 -28.45
CA ILE A 51 8.32 7.68 -27.55
C ILE A 51 9.76 7.62 -28.04
N GLN A 52 10.11 6.49 -28.64
CA GLN A 52 11.44 6.26 -29.18
C GLN A 52 11.79 7.29 -30.25
N LYS A 53 10.83 7.57 -31.13
CA LYS A 53 11.02 8.53 -32.22
C LYS A 53 11.00 9.96 -31.67
N GLU A 54 10.30 10.14 -30.55
CA GLU A 54 10.21 11.44 -29.91
C GLU A 54 11.48 11.81 -29.15
N LEU A 55 12.16 10.81 -28.60
CA LEU A 55 13.37 11.05 -27.82
C LEU A 55 14.62 11.28 -28.67
N VAL A 56 14.93 10.38 -29.60
CA VAL A 56 16.12 10.57 -30.44
C VAL A 56 15.97 11.91 -31.16
N ALA A 57 14.74 12.24 -31.54
CA ALA A 57 14.47 13.49 -32.22
C ALA A 57 14.86 14.64 -31.31
N ILE A 58 14.42 14.56 -30.05
CA ILE A 58 14.72 15.60 -29.07
C ILE A 58 16.21 15.72 -28.86
N MET A 59 16.93 14.60 -28.95
CA MET A 59 18.38 14.61 -28.78
C MET A 59 19.04 15.08 -30.06
N ASN A 60 18.23 15.22 -31.10
CA ASN A 60 18.73 15.65 -32.39
C ASN A 60 18.75 17.16 -32.63
N GLN A 61 18.03 17.93 -31.81
CA GLN A 61 17.99 19.39 -31.97
C GLN A 61 19.38 20.02 -31.88
N HIS A 62 19.52 21.21 -32.44
CA HIS A 62 20.81 21.92 -32.44
C HIS A 62 21.12 22.43 -31.04
N ASP A 63 20.17 23.16 -30.46
CA ASP A 63 20.30 23.70 -29.12
C ASP A 63 19.48 22.77 -28.25
N LEU A 64 20.17 21.91 -27.52
CA LEU A 64 19.55 20.91 -26.67
C LEU A 64 18.95 21.39 -25.36
N ILE A 65 17.69 21.05 -25.17
CA ILE A 65 16.98 21.39 -23.96
C ILE A 65 16.05 20.20 -23.75
N TYR A 66 15.99 19.68 -22.53
CA TYR A 66 15.14 18.52 -22.22
C TYR A 66 14.21 18.85 -21.06
N THR A 67 12.97 18.39 -21.13
CA THR A 67 12.00 18.63 -20.06
C THR A 67 12.20 17.55 -19.01
N TYR A 68 11.67 17.79 -17.82
CA TYR A 68 11.80 16.82 -16.75
C TYR A 68 11.37 15.43 -17.20
N LYS A 69 10.19 15.36 -17.81
CA LYS A 69 9.64 14.09 -18.28
C LYS A 69 10.57 13.36 -19.25
N GLU A 70 10.97 14.04 -20.32
CA GLU A 70 11.86 13.44 -21.31
C GLU A 70 13.09 12.76 -20.69
N LEU A 71 13.60 13.35 -19.61
CA LEU A 71 14.77 12.81 -18.90
C LEU A 71 14.46 11.69 -17.90
N VAL A 72 13.42 11.89 -17.09
CA VAL A 72 13.06 10.93 -16.06
C VAL A 72 12.02 9.87 -16.44
N GLY A 73 11.02 10.27 -17.21
CA GLY A 73 9.99 9.35 -17.61
C GLY A 73 9.15 8.90 -16.43
N THR A 74 8.48 7.76 -16.59
CA THR A 74 7.61 7.19 -15.56
C THR A 74 8.01 5.76 -15.23
N GLY A 75 7.57 5.27 -14.09
CA GLY A 75 7.89 3.90 -13.70
C GLY A 75 6.68 3.20 -13.10
N THR A 76 6.85 1.95 -12.69
CA THR A 76 5.76 1.19 -12.07
C THR A 76 6.18 0.71 -10.68
N ALA A 82 9.04 -2.51 -15.43
CA ALA A 82 8.72 -1.31 -16.25
C ALA A 82 9.70 -1.21 -17.41
N PRO A 83 9.27 -0.58 -18.52
CA PRO A 83 10.13 -0.43 -19.70
C PRO A 83 11.00 0.83 -19.61
N CYS A 84 11.75 1.10 -20.67
CA CYS A 84 12.59 2.29 -20.72
C CYS A 84 11.67 3.43 -21.11
N ASP A 85 11.62 4.47 -20.29
CA ASP A 85 10.74 5.61 -20.53
C ASP A 85 11.47 6.92 -20.86
N ALA A 86 12.80 6.94 -20.82
CA ALA A 86 13.50 8.19 -21.07
C ALA A 86 14.99 8.14 -21.32
N ILE A 87 15.55 9.34 -21.53
CA ILE A 87 16.98 9.52 -21.79
C ILE A 87 17.89 9.05 -20.65
N ILE A 88 17.75 9.63 -19.46
CA ILE A 88 18.60 9.21 -18.36
C ILE A 88 18.49 7.70 -18.16
N GLN A 89 17.26 7.21 -18.17
CA GLN A 89 17.01 5.79 -18.00
C GLN A 89 17.89 4.96 -18.94
N ALA A 90 17.90 5.35 -20.21
CA ALA A 90 18.66 4.63 -21.24
C ALA A 90 20.18 4.87 -21.30
N THR A 91 20.67 5.97 -20.75
CA THR A 91 22.11 6.21 -20.81
C THR A 91 22.85 5.54 -19.67
N ILE A 92 22.10 5.05 -18.69
CA ILE A 92 22.70 4.39 -17.54
C ILE A 92 22.15 2.97 -17.37
N ALA A 93 23.04 1.98 -17.39
CA ALA A 93 22.66 0.58 -17.23
C ALA A 93 22.53 0.24 -15.75
N ASP A 94 21.84 -0.85 -15.46
CA ASP A 94 21.62 -1.29 -14.09
C ASP A 94 22.81 -1.99 -13.45
N GLN A 95 22.68 -2.31 -12.15
CA GLN A 95 23.75 -2.96 -11.39
C GLN A 95 23.69 -4.48 -11.44
N GLY A 96 23.21 -5.02 -12.54
CA GLY A 96 23.11 -6.47 -12.68
C GLY A 96 24.35 -7.09 -13.27
N LYS A 99 18.22 -5.62 -17.33
CA LYS A 99 17.38 -4.64 -18.08
C LYS A 99 18.19 -3.84 -19.11
N GLY A 100 19.28 -3.23 -18.65
CA GLY A 100 20.10 -2.44 -19.55
C GLY A 100 19.82 -0.95 -19.36
N TYR A 101 18.96 -0.66 -18.38
CA TYR A 101 18.60 0.72 -18.09
C TYR A 101 18.16 0.81 -16.63
N ILE A 102 18.07 2.03 -16.12
CA ILE A 102 17.66 2.26 -14.72
C ILE A 102 16.24 2.80 -14.62
N ASP A 103 15.67 2.71 -13.44
CA ASP A 103 14.29 3.15 -13.19
C ASP A 103 14.16 4.68 -13.07
N ASN A 104 12.94 5.14 -12.89
CA ASN A 104 12.64 6.57 -12.78
C ASN A 104 13.00 7.16 -11.42
N TRP A 105 13.45 6.34 -10.49
CA TRP A 105 13.82 6.83 -9.17
C TRP A 105 15.31 7.16 -9.15
N SER A 106 16.12 6.24 -9.66
CA SER A 106 17.56 6.44 -9.72
C SER A 106 17.91 7.51 -10.78
N SER A 107 17.06 7.62 -11.80
CA SER A 107 17.27 8.60 -12.86
C SER A 107 17.17 9.97 -12.22
N ASP A 108 16.18 10.12 -11.34
CA ASP A 108 15.94 11.38 -10.65
C ASP A 108 17.09 11.77 -9.71
N GLY A 109 17.71 10.80 -9.05
CA GLY A 109 18.81 11.14 -8.16
C GLY A 109 19.93 11.75 -8.98
N PHE A 110 20.22 11.13 -10.12
CA PHE A 110 21.26 11.57 -11.04
C PHE A 110 20.94 12.96 -11.60
N LEU A 111 19.67 13.23 -11.85
CA LEU A 111 19.27 14.54 -12.36
C LEU A 111 19.50 15.56 -11.24
N ARG A 112 19.06 15.21 -10.04
CA ARG A 112 19.20 16.06 -8.86
C ARG A 112 20.67 16.31 -8.55
N TRP A 113 21.49 15.29 -8.78
CA TRP A 113 22.93 15.37 -8.55
C TRP A 113 23.62 16.32 -9.56
N ALA A 114 23.36 16.12 -10.85
CA ALA A 114 23.95 16.97 -11.89
C ALA A 114 23.58 18.42 -11.66
N HIS A 115 22.31 18.64 -11.33
CA HIS A 115 21.80 19.97 -11.08
C HIS A 115 22.42 20.59 -9.83
N ALA A 116 22.57 19.80 -8.76
CA ALA A 116 23.14 20.30 -7.51
C ALA A 116 24.59 20.83 -7.64
N LEU A 117 25.41 20.16 -8.44
CA LEU A 117 26.79 20.59 -8.62
C LEU A 117 26.93 21.63 -9.72
N GLY A 118 25.81 22.04 -10.29
CA GLY A 118 25.82 23.07 -11.32
C GLY A 118 26.22 22.72 -12.73
N PHE A 119 26.12 21.46 -13.12
CA PHE A 119 26.49 21.06 -14.48
C PHE A 119 25.35 21.25 -15.46
N ILE A 120 24.14 21.40 -14.94
CA ILE A 120 22.96 21.65 -15.75
C ILE A 120 22.12 22.64 -14.95
N GLU A 121 21.35 23.47 -15.64
CA GLU A 121 20.53 24.47 -14.97
C GLU A 121 19.06 24.18 -15.28
N TYR A 122 18.18 24.52 -14.35
CA TYR A 122 16.74 24.30 -14.48
C TYR A 122 16.02 25.60 -14.84
N ILE A 123 15.17 25.53 -15.86
CA ILE A 123 14.40 26.68 -16.30
C ILE A 123 12.97 26.55 -15.82
N ASN A 124 12.66 27.20 -14.72
CA ASN A 124 11.31 27.16 -14.14
C ASN A 124 10.27 27.53 -15.18
N LYS A 125 9.06 27.02 -15.05
CA LYS A 125 7.97 27.35 -15.97
C LYS A 125 8.03 26.59 -17.28
N SER A 126 9.23 26.15 -17.64
CA SER A 126 9.46 25.39 -18.85
C SER A 126 9.72 23.94 -18.42
N ASP A 127 9.93 23.77 -17.11
CA ASP A 127 10.19 22.46 -16.52
C ASP A 127 11.28 21.76 -17.31
N SER A 128 12.28 22.53 -17.72
CA SER A 128 13.37 22.00 -18.52
C SER A 128 14.78 22.32 -18.01
N PHE A 129 15.76 21.60 -18.56
CA PHE A 129 17.17 21.78 -18.21
C PHE A 129 18.04 21.94 -19.45
N VAL A 130 19.20 22.56 -19.25
CA VAL A 130 20.21 22.73 -20.30
C VAL A 130 21.56 22.62 -19.58
N ILE A 131 22.60 22.31 -20.31
CA ILE A 131 23.93 22.19 -19.74
C ILE A 131 24.42 23.60 -19.44
N THR A 132 25.45 23.73 -18.60
CA THR A 132 25.99 25.03 -18.27
C THR A 132 27.43 25.16 -18.76
N ASP A 133 28.05 26.25 -18.33
CA ASP A 133 29.42 26.56 -18.67
C ASP A 133 30.38 25.49 -18.12
N VAL A 134 30.31 25.25 -16.81
CA VAL A 134 31.17 24.25 -16.19
C VAL A 134 30.81 22.83 -16.53
N GLY A 135 29.57 22.63 -16.99
CA GLY A 135 29.13 21.30 -17.37
C GLY A 135 29.81 20.81 -18.64
N LEU A 136 29.95 21.70 -19.62
CA LEU A 136 30.59 21.35 -20.88
C LEU A 136 32.07 21.03 -20.65
N ALA A 137 32.71 21.80 -19.77
CA ALA A 137 34.11 21.59 -19.44
C ALA A 137 34.25 20.28 -18.72
N TYR A 138 33.24 19.92 -17.93
CA TYR A 138 33.25 18.66 -17.21
C TYR A 138 33.11 17.57 -18.28
N SER A 139 32.24 17.83 -19.25
CA SER A 139 31.95 16.91 -20.35
C SER A 139 33.18 16.53 -21.19
N LYS A 140 33.94 17.51 -21.65
CA LYS A 140 35.12 17.26 -22.48
C LYS A 140 36.37 16.84 -21.69
N SER A 141 36.34 17.08 -20.38
CA SER A 141 37.45 16.75 -19.50
C SER A 141 37.93 15.30 -19.64
N ALA A 142 39.25 15.10 -19.65
CA ALA A 142 39.78 13.75 -19.75
C ALA A 142 39.47 13.00 -18.46
N ASP A 143 39.16 11.72 -18.57
CA ASP A 143 38.88 10.90 -17.41
C ASP A 143 40.11 10.75 -16.53
N GLY A 144 39.96 10.97 -15.23
CA GLY A 144 41.07 10.83 -14.31
C GLY A 144 42.09 11.95 -14.37
N SER A 145 41.89 12.90 -15.26
CA SER A 145 42.82 14.01 -15.37
C SER A 145 42.78 14.87 -14.11
N ALA A 146 43.74 15.77 -13.99
CA ALA A 146 43.83 16.68 -12.85
C ALA A 146 42.87 17.83 -13.05
N ILE A 147 42.50 18.07 -14.31
CA ILE A 147 41.58 19.16 -14.65
C ILE A 147 40.13 18.79 -14.33
N GLU A 148 39.76 17.54 -14.60
CA GLU A 148 38.41 17.06 -14.31
C GLU A 148 38.19 17.15 -12.79
N LYS A 149 39.22 16.81 -12.03
CA LYS A 149 39.14 16.84 -10.59
C LYS A 149 38.95 18.27 -10.15
N GLU A 150 39.69 19.17 -10.79
CA GLU A 150 39.64 20.60 -10.52
C GLU A 150 38.21 21.08 -10.73
N ILE A 151 37.63 20.72 -11.87
CA ILE A 151 36.27 21.10 -12.20
C ILE A 151 35.29 20.59 -11.12
N LEU A 152 35.48 19.34 -10.70
CA LEU A 152 34.63 18.73 -9.68
C LEU A 152 34.67 19.45 -8.33
N ILE A 153 35.87 19.76 -7.85
CA ILE A 153 36.04 20.45 -6.57
C ILE A 153 35.49 21.87 -6.60
N GLU A 154 35.52 22.49 -7.78
CA GLU A 154 34.99 23.83 -7.91
C GLU A 154 33.48 23.76 -7.91
N ALA A 155 32.95 22.73 -8.55
CA ALA A 155 31.51 22.52 -8.63
C ALA A 155 30.94 22.32 -7.24
N ILE A 156 31.56 21.45 -6.46
CA ILE A 156 31.08 21.15 -5.10
C ILE A 156 31.24 22.32 -4.14
N SER A 157 32.19 23.22 -4.41
CA SER A 157 32.42 24.38 -3.55
C SER A 157 31.29 25.41 -3.67
N SER A 158 30.52 25.31 -4.74
CA SER A 158 29.38 26.20 -4.99
C SER A 158 28.12 25.55 -4.43
N TYR A 159 28.30 24.42 -3.77
CA TYR A 159 27.23 23.62 -3.16
C TYR A 159 27.24 23.84 -1.64
N PRO A 160 26.30 24.63 -1.10
CA PRO A 160 26.27 24.90 0.34
C PRO A 160 26.42 23.73 1.31
N PRO A 161 25.54 22.71 1.20
CA PRO A 161 25.66 21.56 2.12
C PRO A 161 27.06 21.00 2.28
N ALA A 162 27.81 20.95 1.18
CA ALA A 162 29.19 20.46 1.21
C ALA A 162 30.00 21.43 2.05
N ILE A 163 29.79 22.72 1.82
CA ILE A 163 30.51 23.74 2.59
C ILE A 163 30.13 23.58 4.06
N ARG A 164 28.86 23.26 4.32
CA ARG A 164 28.40 23.07 5.69
C ARG A 164 29.03 21.85 6.32
N ILE A 165 29.17 20.77 5.56
CA ILE A 165 29.80 19.58 6.11
C ILE A 165 31.26 19.93 6.47
N LEU A 166 31.90 20.73 5.63
CA LEU A 166 33.30 21.13 5.85
C LEU A 166 33.47 22.03 7.06
N THR A 167 32.48 22.87 7.31
CA THR A 167 32.51 23.76 8.46
C THR A 167 32.40 22.98 9.76
N LEU A 168 31.61 21.91 9.73
CA LEU A 168 31.40 21.07 10.90
C LEU A 168 32.60 20.18 11.27
N LEU A 169 33.55 20.07 10.36
CA LEU A 169 34.73 19.24 10.60
C LEU A 169 36.00 20.08 10.69
N GLU A 170 35.84 21.40 10.54
CA GLU A 170 36.97 22.33 10.54
C GLU A 170 37.96 22.25 11.70
N ASP A 171 37.50 21.83 12.87
CA ASP A 171 38.37 21.73 14.05
C ASP A 171 39.11 20.41 14.18
N GLY A 172 38.99 19.57 13.16
CA GLY A 172 39.66 18.28 13.20
C GLY A 172 38.84 17.20 13.85
N GLN A 173 37.58 17.53 14.15
CA GLN A 173 36.65 16.59 14.78
C GLN A 173 36.46 15.34 13.92
N HIS A 174 36.11 14.23 14.57
CA HIS A 174 35.84 12.96 13.89
C HIS A 174 34.37 12.69 14.14
N LEU A 175 33.52 12.88 13.14
CA LEU A 175 32.09 12.69 13.36
C LEU A 175 31.36 11.70 12.45
N THR A 176 30.28 11.14 12.99
CA THR A 176 29.43 10.19 12.28
C THR A 176 28.39 11.01 11.52
N LYS A 177 27.69 10.35 10.61
CA LYS A 177 26.66 10.98 9.79
C LYS A 177 25.56 11.58 10.66
N PHE A 178 25.40 11.00 11.86
CA PHE A 178 24.37 11.46 12.81
C PHE A 178 24.77 12.75 13.50
N ASP A 179 26.05 12.86 13.85
CA ASP A 179 26.59 14.05 14.52
C ASP A 179 26.65 15.20 13.55
N LEU A 180 26.69 14.86 12.27
CA LEU A 180 26.74 15.83 11.20
C LEU A 180 25.31 16.14 10.79
N GLY A 181 24.51 15.10 10.65
CA GLY A 181 23.13 15.26 10.24
C GLY A 181 22.27 16.18 11.10
N LYS A 182 22.54 16.20 12.40
CA LYS A 182 21.77 17.03 13.33
C LYS A 182 21.97 18.53 13.11
N ASN A 183 23.04 18.89 12.38
CA ASN A 183 23.33 20.29 12.11
C ASN A 183 23.38 20.53 10.59
N LEU A 184 22.63 19.71 9.86
CA LEU A 184 22.58 19.77 8.41
C LEU A 184 21.16 20.03 7.89
N GLY A 185 21.02 21.03 7.02
CA GLY A 185 19.71 21.36 6.48
C GLY A 185 18.80 22.08 7.47
N PHE A 186 17.50 21.92 7.28
CA PHE A 186 16.52 22.55 8.15
C PHE A 186 16.15 21.53 9.22
N SER A 187 17.13 21.28 10.09
CA SER A 187 17.06 20.32 11.20
C SER A 187 15.77 20.14 11.99
N GLY A 188 15.40 18.88 12.18
CA GLY A 188 14.22 18.56 12.95
C GLY A 188 12.95 18.33 12.18
N GLU A 189 12.73 19.12 11.13
CA GLU A 189 11.51 18.98 10.36
C GLU A 189 11.60 17.76 9.47
N SER A 190 10.47 17.34 8.92
CA SER A 190 10.46 16.16 8.04
C SER A 190 11.22 16.45 6.75
N GLY A 191 12.15 15.56 6.43
CA GLY A 191 12.98 15.73 5.24
C GLY A 191 14.40 15.99 5.70
N PHE A 192 14.55 16.49 6.93
CA PHE A 192 15.85 16.76 7.53
C PHE A 192 15.87 16.28 8.97
N THR A 193 15.59 14.99 9.17
CA THR A 193 15.57 14.39 10.50
C THR A 193 16.88 13.67 10.79
N SER A 194 17.24 13.58 12.07
CA SER A 194 18.48 12.91 12.46
C SER A 194 18.24 12.06 13.70
N LEU A 195 18.80 10.87 13.72
CA LEU A 195 18.64 9.97 14.86
C LEU A 195 19.72 10.22 15.91
N PRO A 196 19.31 10.46 17.16
CA PRO A 196 20.31 10.68 18.23
C PRO A 196 21.31 9.53 18.21
N GLU A 197 22.58 9.86 17.97
CA GLU A 197 23.64 8.86 17.90
C GLU A 197 23.65 7.96 19.13
N GLY A 198 23.77 8.56 20.31
CA GLY A 198 23.77 7.80 21.54
C GLY A 198 22.65 6.78 21.56
N ILE A 199 21.45 7.20 21.16
CA ILE A 199 20.29 6.32 21.15
C ILE A 199 20.41 5.23 20.08
N LEU A 200 21.04 5.53 18.96
CA LEU A 200 21.19 4.54 17.92
C LEU A 200 22.26 3.49 18.26
N LEU A 201 23.31 3.90 18.95
CA LEU A 201 24.38 2.99 19.33
C LEU A 201 23.88 1.96 20.35
N ASP A 202 22.88 2.35 21.12
CA ASP A 202 22.27 1.48 22.12
C ASP A 202 21.54 0.32 21.45
N THR A 203 20.87 0.63 20.34
CA THR A 203 20.13 -0.36 19.58
C THR A 203 21.10 -1.28 18.88
N LEU A 204 22.30 -0.76 18.62
CA LEU A 204 23.35 -1.51 17.94
C LEU A 204 24.08 -2.43 18.91
N ALA A 205 24.31 -1.94 20.13
CA ALA A 205 25.01 -2.72 21.14
C ALA A 205 24.23 -3.93 21.59
N ASN A 206 22.91 -3.80 21.70
CA ASN A 206 22.08 -4.91 22.16
C ASN A 206 21.41 -5.70 21.03
N ALA A 207 21.93 -5.51 19.81
CA ALA A 207 21.39 -6.19 18.64
C ALA A 207 22.18 -7.47 18.33
N MET A 208 21.57 -8.37 17.56
CA MET A 208 22.20 -9.62 17.17
C MET A 208 23.20 -9.33 16.04
N PRO A 209 24.38 -9.98 16.10
CA PRO A 209 25.40 -9.76 15.06
C PRO A 209 24.84 -9.87 13.65
N LYS A 210 23.71 -10.55 13.50
CA LYS A 210 23.09 -10.72 12.19
C LYS A 210 22.31 -9.49 11.71
N ASP A 211 22.07 -8.54 12.62
CA ASP A 211 21.33 -7.32 12.31
C ASP A 211 22.15 -6.05 12.56
N LYS A 212 23.36 -6.22 13.09
CA LYS A 212 24.23 -5.09 13.39
C LYS A 212 24.56 -4.27 12.16
N GLY A 213 24.91 -4.96 11.08
CA GLY A 213 25.25 -4.28 9.84
C GLY A 213 24.14 -3.39 9.29
N GLU A 214 22.91 -3.90 9.27
CA GLU A 214 21.77 -3.15 8.74
C GLU A 214 21.47 -1.94 9.61
N ILE A 215 21.70 -2.07 10.92
CA ILE A 215 21.46 -0.98 11.87
C ILE A 215 22.57 0.06 11.81
N ARG A 216 23.79 -0.40 11.60
CA ARG A 216 24.95 0.47 11.52
C ARG A 216 25.00 1.32 10.26
N ASN A 217 24.30 0.88 9.22
CA ASN A 217 24.31 1.60 7.95
C ASN A 217 22.97 1.97 7.33
N ASN A 218 21.88 1.30 7.68
CA ASN A 218 20.58 1.61 7.08
C ASN A 218 19.59 2.26 8.04
N TRP A 219 20.02 2.47 9.28
CA TRP A 219 19.19 3.10 10.32
C TRP A 219 19.62 4.54 10.28
N GLU A 220 18.83 5.40 9.64
CA GLU A 220 19.25 6.79 9.56
C GLU A 220 18.11 7.74 9.23
N GLY A 221 18.29 9.01 9.61
CA GLY A 221 17.29 10.03 9.33
C GLY A 221 17.64 10.69 8.02
N SER A 222 16.75 11.52 7.49
CA SER A 222 17.02 12.18 6.22
C SER A 222 18.35 12.94 6.19
N SER A 223 18.62 13.74 7.22
CA SER A 223 19.87 14.51 7.26
C SER A 223 21.09 13.58 7.40
N ASP A 224 20.90 12.45 8.07
CA ASP A 224 21.98 11.48 8.23
C ASP A 224 22.32 10.89 6.86
N LYS A 225 21.29 10.78 6.01
CA LYS A 225 21.41 10.27 4.63
C LYS A 225 22.26 11.23 3.80
N TYR A 226 21.84 12.50 3.83
CA TYR A 226 22.52 13.57 3.11
C TYR A 226 23.97 13.71 3.57
N ALA A 227 24.20 13.65 4.88
CA ALA A 227 25.56 13.77 5.44
C ALA A 227 26.50 12.66 5.00
N ARG A 228 25.94 11.46 4.80
CA ARG A 228 26.71 10.31 4.37
C ARG A 228 27.04 10.45 2.89
N MET A 229 26.06 10.91 2.12
CA MET A 229 26.24 11.09 0.69
C MET A 229 27.19 12.23 0.41
N ILE A 230 26.87 13.43 0.92
CA ILE A 230 27.74 14.56 0.68
C ILE A 230 29.14 14.26 1.21
N GLY A 231 29.22 13.62 2.37
CA GLY A 231 30.51 13.27 2.94
C GLY A 231 31.29 12.31 2.07
N GLY A 232 30.57 11.41 1.40
CA GLY A 232 31.22 10.46 0.51
C GLY A 232 31.75 11.14 -0.74
N TRP A 233 31.04 12.18 -1.21
CA TRP A 233 31.47 12.92 -2.39
C TRP A 233 32.81 13.59 -2.08
N LEU A 234 32.88 14.26 -0.92
CA LEU A 234 34.08 14.96 -0.47
C LEU A 234 35.25 14.03 -0.19
N ASP A 235 34.96 12.78 0.17
CA ASP A 235 36.00 11.82 0.46
C ASP A 235 36.72 11.48 -0.84
N LYS A 236 35.95 11.10 -1.85
CA LYS A 236 36.49 10.74 -3.14
C LYS A 236 37.25 11.88 -3.83
N LEU A 237 37.03 13.11 -3.37
CA LEU A 237 37.70 14.27 -3.94
C LEU A 237 38.86 14.70 -3.05
N GLY A 238 39.09 13.94 -1.98
CA GLY A 238 40.19 14.22 -1.07
C GLY A 238 40.00 15.34 -0.05
N LEU A 239 38.83 15.96 -0.03
CA LEU A 239 38.58 17.05 0.92
C LEU A 239 38.22 16.55 2.32
N VAL A 240 37.82 15.28 2.40
CA VAL A 240 37.45 14.67 3.67
C VAL A 240 37.96 13.24 3.70
N LYS A 241 38.06 12.64 4.88
CA LYS A 241 38.50 11.25 4.98
C LYS A 241 37.45 10.43 5.74
N GLN A 242 36.94 9.39 5.11
CA GLN A 242 35.94 8.53 5.76
C GLN A 242 36.64 7.37 6.45
N GLY A 243 36.34 7.20 7.73
CA GLY A 243 36.92 6.14 8.52
C GLY A 243 36.01 5.84 9.69
N LYS A 244 35.88 4.57 10.05
CA LYS A 244 35.01 4.20 11.15
C LYS A 244 35.40 4.82 12.48
N LYS A 245 34.37 5.17 13.26
CA LYS A 245 34.55 5.75 14.57
C LYS A 245 34.21 4.60 15.53
N GLU A 246 34.91 4.53 16.66
CA GLU A 246 34.66 3.45 17.62
C GLU A 246 34.05 3.95 18.92
N PHE A 247 33.33 3.07 19.60
CA PHE A 247 32.67 3.42 20.85
C PHE A 247 32.70 2.28 21.87
N ILE A 248 32.60 2.64 23.15
CA ILE A 248 32.56 1.64 24.22
C ILE A 248 31.11 1.67 24.72
N ILE A 249 30.30 0.73 24.27
CA ILE A 249 28.89 0.70 24.68
C ILE A 249 28.58 -0.54 25.51
N PRO A 250 28.56 -0.37 26.85
CA PRO A 250 28.27 -1.47 27.78
C PRO A 250 26.80 -1.88 27.74
N THR A 251 26.55 -3.18 27.60
CA THR A 251 25.19 -3.69 27.56
C THR A 251 24.57 -3.75 28.95
N ASN A 257 30.36 -4.04 25.95
CA ASN A 257 30.44 -4.22 24.48
C ASN A 257 31.19 -3.09 23.80
N LYS A 258 31.53 -3.32 22.54
CA LYS A 258 32.25 -2.33 21.75
C LYS A 258 31.52 -2.22 20.43
N GLU A 259 31.47 -1.00 19.90
CA GLU A 259 30.78 -0.79 18.63
C GLU A 259 31.53 0.26 17.82
N PHE A 260 31.25 0.29 16.51
CA PHE A 260 31.87 1.24 15.60
C PHE A 260 30.89 1.67 14.53
N ILE A 261 31.10 2.88 14.02
CA ILE A 261 30.27 3.44 12.95
C ILE A 261 31.22 3.72 11.79
N SER A 262 30.98 3.07 10.65
CA SER A 262 31.84 3.25 9.49
C SER A 262 31.61 4.54 8.71
N HIS A 263 30.43 5.12 8.86
CA HIS A 263 30.10 6.36 8.19
C HIS A 263 30.50 7.53 9.05
N ALA A 264 31.80 7.70 9.22
CA ALA A 264 32.36 8.79 10.00
C ALA A 264 33.37 9.46 9.10
N PHE A 265 33.60 10.76 9.31
CA PHE A 265 34.52 11.50 8.46
C PHE A 265 35.37 12.48 9.28
N LYS A 266 36.45 12.96 8.64
CA LYS A 266 37.38 13.91 9.27
C LYS A 266 38.05 14.75 8.18
N ILE A 267 38.05 16.07 8.33
CA ILE A 267 38.65 16.95 7.33
C ILE A 267 40.12 16.66 7.03
N THR A 268 40.59 17.16 5.89
CA THR A 268 41.99 16.98 5.47
C THR A 268 42.64 18.33 5.19
N GLY A 269 43.86 18.30 4.66
CA GLY A 269 44.56 19.54 4.35
C GLY A 269 43.97 20.27 3.17
N GLU A 270 43.60 19.52 2.14
CA GLU A 270 43.00 20.11 0.94
C GLU A 270 41.59 20.60 1.25
N GLY A 271 40.95 19.98 2.24
CA GLY A 271 39.61 20.37 2.63
C GLY A 271 39.55 21.68 3.39
N LEU A 272 40.59 21.97 4.18
CA LEU A 272 40.64 23.21 4.95
C LEU A 272 40.97 24.40 4.05
N LYS A 273 41.72 24.14 2.97
CA LYS A 273 42.10 25.17 2.02
C LYS A 273 40.84 25.62 1.28
N VAL A 274 40.01 24.65 0.93
CA VAL A 274 38.76 24.90 0.21
C VAL A 274 37.82 25.66 1.14
N LEU A 275 37.80 25.29 2.42
CA LEU A 275 36.93 25.96 3.39
C LEU A 275 37.45 27.36 3.69
N ARG A 276 38.76 27.45 3.88
CA ARG A 276 39.39 28.73 4.17
C ARG A 276 39.03 29.76 3.09
N ARG A 277 39.15 29.36 1.82
CA ARG A 277 38.82 30.24 0.71
C ARG A 277 37.31 30.51 0.62
N ALA A 278 36.49 29.55 1.04
CA ALA A 278 35.04 29.70 1.00
C ALA A 278 34.55 30.64 2.09
N LYS A 279 35.40 30.83 3.09
CA LYS A 279 35.07 31.70 4.21
C LYS A 279 35.38 33.16 3.88
N GLY A 280 36.38 33.35 3.03
CA GLY A 280 36.78 34.68 2.63
C GLY A 280 38.07 35.14 3.29
N SER A 281 38.84 34.18 3.79
CA SER A 281 40.11 34.46 4.44
C SER A 281 41.29 34.22 3.51
N THR A 282 41.04 34.25 2.21
CA THR A 282 42.08 34.01 1.23
C THR A 282 42.28 35.18 0.27
N LYS A 283 43.25 35.02 -0.64
CA LYS A 283 43.59 36.05 -1.62
C LYS A 283 42.67 35.98 -2.84
N PHE A 284 41.87 34.93 -2.93
CA PHE A 284 40.96 34.74 -4.07
C PHE A 284 39.51 34.77 -3.61
N THR A 285 38.62 35.27 -4.46
CA THR A 285 37.22 35.31 -4.09
C THR A 285 36.73 33.89 -3.90
N ARG A 286 35.67 33.76 -3.11
CA ARG A 286 35.09 32.46 -2.84
C ARG A 286 34.29 32.07 -4.08
N VAL A 287 33.92 30.81 -4.16
CA VAL A 287 33.13 30.34 -5.29
C VAL A 287 31.69 30.76 -5.02
N PRO A 288 31.07 31.52 -5.93
CA PRO A 288 29.68 31.91 -5.68
C PRO A 288 28.81 30.66 -5.46
N LYS A 289 28.02 30.66 -4.39
CA LYS A 289 27.17 29.51 -4.10
C LYS A 289 25.80 29.59 -4.74
N ARG A 290 25.33 28.45 -5.25
CA ARG A 290 24.04 28.34 -5.90
C ARG A 290 22.96 27.90 -4.92
N VAL A 291 21.88 28.67 -4.85
CA VAL A 291 20.75 28.39 -3.97
C VAL A 291 19.48 28.51 -4.79
N TYR A 292 18.58 27.55 -4.64
CA TYR A 292 17.34 27.58 -5.39
C TYR A 292 16.16 27.29 -4.47
N TRP A 293 15.05 27.97 -4.77
CA TRP A 293 13.79 27.86 -4.06
C TRP A 293 13.42 26.41 -3.72
N GLU A 294 13.76 25.50 -4.61
CA GLU A 294 13.45 24.07 -4.44
C GLU A 294 14.31 23.35 -3.42
N MET A 295 15.28 24.03 -2.83
CA MET A 295 16.15 23.37 -1.87
C MET A 295 15.87 23.81 -0.44
N LEU A 296 15.02 24.83 -0.29
CA LEU A 296 14.70 25.38 1.02
C LEU A 296 13.64 24.60 1.81
N ALA A 297 13.21 23.45 1.29
CA ALA A 297 12.23 22.60 1.95
C ALA A 297 11.97 21.38 1.09
N THR A 298 11.93 20.20 1.70
CA THR A 298 11.70 18.96 0.95
C THR A 298 10.34 18.29 1.20
N ASN A 299 10.30 17.37 2.16
CA ASN A 299 9.09 16.60 2.48
C ASN A 299 8.16 17.28 3.47
N LEU A 300 7.94 18.57 3.27
CA LEU A 300 7.08 19.35 4.13
C LEU A 300 5.76 19.63 3.41
N THR A 301 4.66 19.19 4.00
CA THR A 301 3.34 19.39 3.42
C THR A 301 3.12 20.79 2.87
N ASP A 302 3.60 21.80 3.59
CA ASP A 302 3.47 23.19 3.16
C ASP A 302 4.80 23.69 2.59
N LYS A 303 5.46 22.87 1.79
CA LYS A 303 6.75 23.28 1.23
C LYS A 303 6.68 24.47 0.24
N GLU A 304 5.54 24.66 -0.43
CA GLU A 304 5.44 25.78 -1.37
C GLU A 304 5.43 27.13 -0.66
N TYR A 305 4.67 27.23 0.43
CA TYR A 305 4.57 28.47 1.21
C TYR A 305 5.86 28.70 1.97
N VAL A 306 6.34 27.65 2.62
CA VAL A 306 7.56 27.71 3.42
C VAL A 306 8.79 28.05 2.57
N ARG A 307 8.90 27.43 1.41
CA ARG A 307 10.03 27.69 0.51
C ARG A 307 10.11 29.19 0.16
N THR A 308 8.95 29.80 -0.08
CA THR A 308 8.91 31.21 -0.41
C THR A 308 9.37 32.06 0.79
N ARG A 309 8.79 31.79 1.95
CA ARG A 309 9.13 32.51 3.17
C ARG A 309 10.64 32.51 3.43
N ARG A 310 11.27 31.34 3.33
CA ARG A 310 12.71 31.27 3.53
C ARG A 310 13.45 31.97 2.38
N ALA A 311 12.88 31.94 1.18
CA ALA A 311 13.49 32.57 0.02
C ALA A 311 13.54 34.09 0.19
N LEU A 312 12.42 34.65 0.65
CA LEU A 312 12.31 36.06 0.87
C LEU A 312 13.18 36.56 2.04
N ILE A 313 13.46 35.69 3.01
CA ILE A 313 14.31 36.13 4.10
C ILE A 313 15.75 36.18 3.59
N LEU A 314 16.12 35.24 2.74
CA LEU A 314 17.45 35.22 2.17
C LEU A 314 17.68 36.54 1.42
N GLU A 315 16.69 36.92 0.60
CA GLU A 315 16.76 38.14 -0.20
C GLU A 315 16.98 39.38 0.63
N ILE A 316 16.22 39.50 1.72
CA ILE A 316 16.32 40.67 2.59
C ILE A 316 17.72 40.77 3.13
N LEU A 317 18.25 39.65 3.62
CA LEU A 317 19.60 39.63 4.16
C LEU A 317 20.60 40.01 3.08
N ILE A 318 20.34 39.55 1.86
CA ILE A 318 21.22 39.84 0.75
C ILE A 318 21.32 41.34 0.45
N LYS A 319 20.21 41.96 0.07
CA LYS A 319 20.25 43.38 -0.26
C LYS A 319 20.39 44.33 0.93
N ALA A 320 20.56 43.78 2.13
CA ALA A 320 20.68 44.60 3.33
C ALA A 320 22.00 44.44 4.06
N GLY A 321 22.20 45.25 5.10
CA GLY A 321 23.40 45.19 5.91
C GLY A 321 23.12 44.46 7.22
N SER A 322 23.49 45.05 8.34
CA SER A 322 23.24 44.45 9.66
C SER A 322 21.76 44.75 9.98
N LEU A 323 21.02 43.72 10.40
CA LEU A 323 19.60 43.88 10.66
C LEU A 323 19.13 43.26 11.98
N LYS A 324 18.03 43.77 12.52
CA LYS A 324 17.44 43.24 13.74
C LYS A 324 16.23 42.38 13.31
N ILE A 325 16.05 41.23 13.94
CA ILE A 325 14.96 40.32 13.58
C ILE A 325 13.65 41.07 13.39
N GLU A 326 13.47 42.15 14.13
CA GLU A 326 12.24 42.95 14.03
C GLU A 326 12.17 43.71 12.70
N GLN A 327 13.33 44.08 12.16
CA GLN A 327 13.37 44.77 10.89
C GLN A 327 13.17 43.73 9.77
N ILE A 328 13.73 42.54 9.95
CA ILE A 328 13.58 41.48 8.98
C ILE A 328 12.10 41.10 8.94
N GLN A 329 11.51 41.00 10.12
CA GLN A 329 10.09 40.64 10.23
C GLN A 329 9.29 41.76 9.61
N ASP A 330 9.76 42.98 9.81
CA ASP A 330 9.13 44.17 9.25
C ASP A 330 9.18 44.13 7.73
N ASN A 331 10.38 43.92 7.18
CA ASN A 331 10.58 43.86 5.73
C ASN A 331 9.77 42.71 5.14
N LEU A 332 9.68 41.63 5.89
CA LEU A 332 8.92 40.45 5.48
C LEU A 332 7.42 40.79 5.39
N LYS A 333 6.92 41.46 6.41
CA LYS A 333 5.50 41.83 6.45
C LYS A 333 5.10 42.66 5.22
N LYS A 334 5.96 43.58 4.81
CA LYS A 334 5.67 44.42 3.66
C LYS A 334 5.34 43.56 2.45
N LEU A 335 5.99 42.39 2.35
CA LEU A 335 5.78 41.49 1.23
C LEU A 335 4.53 40.63 1.37
N GLY A 336 3.79 40.83 2.45
CA GLY A 336 2.58 40.05 2.64
C GLY A 336 2.79 38.76 3.39
N PHE A 337 3.84 38.68 4.20
CA PHE A 337 4.13 37.47 4.96
C PHE A 337 4.19 37.80 6.44
N ASP A 338 3.05 37.69 7.11
CA ASP A 338 2.92 37.96 8.53
C ASP A 338 3.50 36.85 9.38
N GLU A 339 4.77 36.98 9.74
CA GLU A 339 5.45 35.97 10.53
C GLU A 339 5.80 36.44 11.95
N VAL A 340 6.00 35.47 12.84
CA VAL A 340 6.35 35.74 14.23
C VAL A 340 7.87 35.63 14.34
N ILE A 341 8.48 36.48 15.17
CA ILE A 341 9.94 36.49 15.32
C ILE A 341 10.64 35.13 15.44
N GLU A 342 10.06 34.17 16.16
CA GLU A 342 10.73 32.88 16.32
C GLU A 342 10.59 31.93 15.13
N THR A 343 9.67 32.21 14.22
CA THR A 343 9.53 31.38 13.02
C THR A 343 10.65 31.84 12.11
N ILE A 344 10.86 33.16 12.06
CA ILE A 344 11.90 33.78 11.26
C ILE A 344 13.27 33.36 11.77
N GLU A 345 13.41 33.23 13.09
CA GLU A 345 14.67 32.81 13.70
C GLU A 345 14.99 31.35 13.34
N ASN A 346 13.97 30.49 13.31
CA ASN A 346 14.19 29.09 12.97
C ASN A 346 14.50 28.93 11.50
N ASP A 347 13.91 29.80 10.69
CA ASP A 347 14.14 29.79 9.25
C ASP A 347 15.59 30.19 8.97
N ILE A 348 16.17 31.03 9.83
CA ILE A 348 17.55 31.48 9.66
C ILE A 348 18.58 30.44 10.08
N LYS A 349 18.25 29.67 11.12
CA LYS A 349 19.15 28.64 11.62
C LYS A 349 19.28 27.57 10.56
N GLY A 350 18.22 27.41 9.76
CA GLY A 350 18.23 26.42 8.69
C GLY A 350 19.10 26.90 7.54
N LEU A 351 19.06 28.20 7.25
CA LEU A 351 19.87 28.75 6.17
C LEU A 351 21.34 28.52 6.55
N ILE A 352 21.66 28.87 7.79
CA ILE A 352 23.00 28.70 8.31
C ILE A 352 23.36 27.20 8.24
N ASN A 353 22.43 26.36 8.67
CA ASN A 353 22.62 24.91 8.68
C ASN A 353 22.73 24.24 7.31
N THR A 354 22.55 24.99 6.23
CA THR A 354 22.68 24.38 4.92
C THR A 354 23.91 24.86 4.15
N GLY A 355 24.69 25.75 4.76
CA GLY A 355 25.91 26.21 4.11
C GLY A 355 26.13 27.70 3.87
N ILE A 356 25.13 28.52 4.20
CA ILE A 356 25.23 29.96 4.00
C ILE A 356 25.71 30.63 5.28
N PHE A 357 26.64 31.58 5.15
CA PHE A 357 27.19 32.27 6.32
C PHE A 357 26.46 33.54 6.73
N ILE A 358 25.79 33.48 7.89
CA ILE A 358 25.08 34.62 8.43
C ILE A 358 25.54 34.83 9.87
N GLU A 359 26.35 35.86 10.07
CA GLU A 359 26.86 36.18 11.40
C GLU A 359 25.75 36.77 12.25
N ILE A 360 25.77 36.42 13.53
CA ILE A 360 24.81 36.93 14.50
C ILE A 360 25.64 37.52 15.64
N LYS A 361 25.54 38.83 15.82
CA LYS A 361 26.27 39.51 16.89
C LYS A 361 25.26 40.15 17.82
N GLY A 362 25.00 39.49 18.94
CA GLY A 362 24.02 40.02 19.87
C GLY A 362 22.65 40.00 19.22
N ARG A 363 22.08 41.18 19.04
CA ARG A 363 20.76 41.30 18.44
C ARG A 363 20.79 41.57 16.92
N PHE A 364 21.96 41.52 16.31
CA PHE A 364 22.06 41.82 14.89
C PHE A 364 22.54 40.69 13.98
N TYR A 365 21.88 40.55 12.85
CA TYR A 365 22.24 39.54 11.87
C TYR A 365 22.85 40.24 10.65
N GLN A 366 23.80 39.59 10.01
CA GLN A 366 24.41 40.14 8.82
C GLN A 366 24.98 39.05 7.94
N LEU A 367 24.42 38.91 6.73
CA LEU A 367 24.92 37.88 5.80
C LEU A 367 26.30 38.28 5.28
N LYS A 368 27.24 37.35 5.32
CA LYS A 368 28.62 37.60 4.85
C LYS A 368 28.98 36.45 3.94
N ASP A 369 28.53 36.51 2.69
CA ASP A 369 28.77 35.42 1.75
C ASP A 369 28.56 35.92 0.32
N HIS A 370 28.65 35.01 -0.64
CA HIS A 370 28.41 35.38 -2.04
C HIS A 370 27.45 34.36 -2.66
N ILE A 371 26.18 34.74 -2.75
CA ILE A 371 25.12 33.90 -3.31
C ILE A 371 24.67 34.48 -4.66
N LEU A 372 24.37 33.60 -5.63
CA LEU A 372 23.92 34.06 -6.94
C LEU A 372 22.40 34.29 -6.98
N GLN A 373 21.93 34.80 -8.11
CA GLN A 373 20.51 35.09 -8.31
C GLN A 373 19.66 33.86 -8.61
N PHE A 374 18.71 33.59 -7.71
CA PHE A 374 17.79 32.46 -7.88
C PHE A 374 16.39 33.02 -8.04
N VAL A 375 15.54 32.30 -8.74
CA VAL A 375 14.18 32.78 -8.96
C VAL A 375 13.13 32.16 -8.05
N ILE A 376 12.25 33.01 -7.52
CA ILE A 376 11.15 32.54 -6.68
C ILE A 376 10.05 32.44 -7.74
N PRO A 377 9.64 31.21 -8.09
CA PRO A 377 8.59 31.00 -9.11
C PRO A 377 7.19 31.43 -8.68
N ASN A 378 6.38 31.82 -9.65
CA ASN A 378 5.02 32.26 -9.37
C ASN A 378 5.04 33.30 -8.27
N ARG A 379 5.59 34.48 -8.59
CA ARG A 379 5.67 35.56 -7.63
C ARG A 379 5.32 36.90 -8.29
N LEU A 385 -1.08 32.15 -1.80
CA LEU A 385 -0.32 31.20 -0.93
C LEU A 385 -0.82 31.31 0.50
N VAL A 386 -1.72 30.41 0.88
CA VAL A 386 -2.27 30.44 2.22
C VAL A 386 -1.57 29.44 3.15
N LYS A 387 -1.19 29.94 4.32
CA LYS A 387 -0.53 29.14 5.34
C LYS A 387 -1.50 28.02 5.76
N SER A 388 -1.01 26.80 5.85
CA SER A 388 -1.85 25.68 6.23
C SER A 388 -2.03 25.69 7.74
N GLU A 389 -3.04 24.96 8.21
CA GLU A 389 -3.34 24.86 9.63
C GLU A 389 -2.20 24.25 10.46
N LEU A 390 -1.45 23.31 9.88
CA LEU A 390 -0.33 22.68 10.59
C LEU A 390 0.84 23.62 10.84
N GLU A 391 1.11 24.52 9.89
CA GLU A 391 2.19 25.49 10.02
C GLU A 391 1.80 26.60 10.99
N GLU A 392 0.54 26.98 11.01
CA GLU A 392 0.06 28.01 11.92
C GLU A 392 0.23 27.50 13.35
N LYS A 393 -0.02 26.20 13.53
CA LYS A 393 0.13 25.56 14.83
C LYS A 393 1.61 25.53 15.22
N LYS A 394 2.49 25.31 14.23
CA LYS A 394 3.93 25.31 14.50
C LYS A 394 4.32 26.71 14.97
N SER A 395 3.77 27.70 14.26
CA SER A 395 4.03 29.09 14.56
C SER A 395 3.55 29.46 15.95
N GLU A 396 2.34 29.02 16.29
CA GLU A 396 1.77 29.30 17.61
C GLU A 396 2.66 28.79 18.73
N LEU A 397 3.07 27.53 18.63
CA LEU A 397 3.90 26.89 19.65
C LEU A 397 5.36 27.36 19.73
N ARG A 398 5.87 27.94 18.65
CA ARG A 398 7.24 28.45 18.65
C ARG A 398 7.23 29.77 19.39
N HIS A 399 6.13 30.51 19.23
CA HIS A 399 5.93 31.78 19.89
C HIS A 399 4.99 31.52 21.08
N LYS A 400 5.44 30.71 22.02
CA LYS A 400 4.62 30.39 23.18
C LYS A 400 5.42 29.53 24.13
N LEU A 401 6.06 28.50 23.58
CA LEU A 401 6.89 27.60 24.37
C LEU A 401 8.28 28.21 24.38
N LYS A 402 8.59 28.95 25.44
CA LYS A 402 9.86 29.64 25.60
C LYS A 402 11.00 28.79 26.13
N TYR A 403 10.73 27.53 26.43
CA TYR A 403 11.79 26.67 26.96
C TYR A 403 12.02 25.42 26.12
N VAL A 404 11.04 25.07 25.30
CA VAL A 404 11.08 23.89 24.45
C VAL A 404 11.91 24.08 23.19
N PRO A 405 13.02 23.34 23.05
CA PRO A 405 13.84 23.50 21.84
C PRO A 405 12.88 23.35 20.67
N HIS A 406 12.72 24.43 19.90
CA HIS A 406 11.81 24.49 18.76
C HIS A 406 11.76 23.26 17.86
N GLU A 407 12.89 22.59 17.73
CA GLU A 407 12.98 21.39 16.92
C GLU A 407 11.92 20.34 17.28
N TYR A 408 11.54 20.28 18.56
CA TYR A 408 10.54 19.32 19.01
C TYR A 408 9.14 19.63 18.51
N ILE A 409 8.88 20.89 18.19
CA ILE A 409 7.56 21.23 17.71
C ILE A 409 7.32 20.58 16.35
N GLU A 410 8.41 20.12 15.72
CA GLU A 410 8.32 19.49 14.41
C GLU A 410 7.71 18.09 14.48
N LEU A 411 7.61 17.54 15.70
CA LEU A 411 7.03 16.22 15.93
C LEU A 411 5.53 16.20 15.64
N ILE A 412 4.91 17.38 15.66
CA ILE A 412 3.47 17.48 15.39
C ILE A 412 3.14 17.08 13.94
N GLU A 413 4.07 17.37 13.03
CA GLU A 413 3.90 17.05 11.62
C GLU A 413 4.49 15.66 11.36
N ILE A 414 5.62 15.36 11.98
CA ILE A 414 6.29 14.08 11.82
C ILE A 414 5.36 12.94 12.28
N ALA A 415 4.58 13.21 13.33
CA ALA A 415 3.64 12.24 13.91
C ALA A 415 2.45 11.93 13.02
N ARG A 416 2.32 12.64 11.90
CA ARG A 416 1.21 12.41 11.00
C ARG A 416 1.65 11.63 9.77
N ASN A 417 2.93 11.24 9.76
CA ASN A 417 3.48 10.49 8.64
C ASN A 417 3.84 9.09 9.12
N SER A 418 3.20 8.09 8.53
CA SER A 418 3.43 6.69 8.90
C SER A 418 4.88 6.24 8.75
N THR A 419 5.53 6.69 7.69
CA THR A 419 6.92 6.35 7.39
C THR A 419 7.91 6.85 8.44
N GLN A 420 7.44 7.58 9.44
CA GLN A 420 8.32 8.15 10.46
C GLN A 420 8.24 7.66 11.91
N ASP A 421 7.83 6.41 12.09
CA ASP A 421 7.72 5.82 13.43
C ASP A 421 9.01 5.86 14.23
N ARG A 422 10.10 5.44 13.60
CA ARG A 422 11.41 5.38 14.25
C ARG A 422 11.91 6.69 14.87
N ILE A 423 12.02 7.74 14.07
CA ILE A 423 12.48 9.02 14.58
C ILE A 423 11.47 9.50 15.64
N LEU A 424 10.20 9.21 15.42
CA LEU A 424 9.17 9.60 16.40
C LEU A 424 9.50 8.89 17.72
N GLU A 425 9.85 7.62 17.58
CA GLU A 425 10.22 6.76 18.70
C GLU A 425 11.29 7.43 19.54
N MET A 426 12.47 7.58 18.94
CA MET A 426 13.63 8.16 19.59
C MET A 426 13.46 9.59 20.09
N LYS A 427 12.90 10.45 19.25
CA LYS A 427 12.69 11.87 19.61
C LYS A 427 11.73 12.10 20.78
N VAL A 428 10.74 11.22 20.94
CA VAL A 428 9.78 11.32 22.05
C VAL A 428 10.44 10.89 23.36
N MET A 429 11.23 9.83 23.31
CA MET A 429 11.92 9.35 24.50
C MET A 429 12.97 10.36 24.93
N GLU A 430 13.62 10.99 23.95
CA GLU A 430 14.65 11.98 24.22
C GLU A 430 14.08 13.20 24.93
N PHE A 431 12.89 13.61 24.52
CA PHE A 431 12.19 14.74 25.13
C PHE A 431 11.83 14.41 26.60
N PHE A 432 11.39 13.17 26.82
CA PHE A 432 11.01 12.77 28.16
C PHE A 432 12.19 12.91 29.11
N MET A 433 13.33 12.36 28.72
CA MET A 433 14.55 12.40 29.54
C MET A 433 15.25 13.74 29.61
N LYS A 434 15.32 14.45 28.49
CA LYS A 434 16.00 15.73 28.46
C LYS A 434 15.20 16.90 28.97
N VAL A 435 13.89 16.90 28.73
CA VAL A 435 13.06 18.02 29.15
C VAL A 435 12.19 17.79 30.39
N TYR A 436 11.55 16.62 30.44
CA TYR A 436 10.70 16.29 31.58
C TYR A 436 11.57 15.96 32.78
N GLY A 437 12.67 15.26 32.54
CA GLY A 437 13.58 14.92 33.63
C GLY A 437 13.59 13.46 34.01
N TYR A 438 12.93 12.63 33.22
CA TYR A 438 12.85 11.22 33.51
C TYR A 438 14.17 10.51 33.27
N ARG A 439 14.30 9.33 33.86
CA ARG A 439 15.47 8.51 33.68
C ARG A 439 14.92 7.35 32.89
N GLY A 440 15.79 6.48 32.38
CA GLY A 440 15.34 5.35 31.58
C GLY A 440 15.84 5.41 30.14
N LYS A 441 15.09 4.84 29.21
CA LYS A 441 15.54 4.86 27.83
C LYS A 441 14.55 4.38 26.76
N HIS A 442 14.96 4.56 25.51
CA HIS A 442 14.20 4.15 24.34
C HIS A 442 14.65 2.74 24.06
N LEU A 443 13.69 1.86 23.79
CA LEU A 443 13.97 0.46 23.51
C LEU A 443 13.60 0.16 22.06
N GLY A 444 12.33 -0.06 21.79
CA GLY A 444 11.92 -0.33 20.42
C GLY A 444 12.03 -1.79 20.04
N GLY A 445 11.65 -2.12 18.81
CA GLY A 445 11.72 -3.50 18.37
C GLY A 445 10.38 -4.20 18.55
N SER A 446 10.29 -5.45 18.12
CA SER A 446 9.03 -6.19 18.24
C SER A 446 8.84 -6.88 19.59
N ARG A 447 9.85 -6.88 20.43
CA ARG A 447 9.73 -7.55 21.71
C ARG A 447 9.92 -6.61 22.91
N LYS A 448 10.16 -5.34 22.61
CA LYS A 448 10.35 -4.37 23.66
C LYS A 448 9.46 -3.19 23.40
N PRO A 449 9.14 -2.43 24.46
CA PRO A 449 8.28 -1.25 24.27
C PRO A 449 9.19 -0.15 23.73
N ASP A 450 8.61 0.85 23.06
CA ASP A 450 9.38 1.94 22.48
C ASP A 450 10.23 2.71 23.50
N GLY A 451 9.83 2.65 24.76
CA GLY A 451 10.57 3.33 25.79
C GLY A 451 10.08 2.97 27.17
N ALA A 452 10.99 3.04 28.15
CA ALA A 452 10.68 2.74 29.56
C ALA A 452 11.34 3.81 30.43
N ILE A 453 10.53 4.65 31.04
CA ILE A 453 11.04 5.75 31.86
C ILE A 453 10.58 5.70 33.32
N TYR A 454 11.38 6.28 34.21
CA TYR A 454 11.03 6.30 35.62
C TYR A 454 11.60 7.54 36.33
N THR A 455 11.21 7.71 37.58
CA THR A 455 11.64 8.84 38.39
C THR A 455 12.54 8.45 39.55
N VAL A 456 13.21 9.43 40.15
CA VAL A 456 14.07 9.18 41.30
C VAL A 456 14.05 10.39 42.24
N GLY A 457 13.66 10.17 43.48
CA GLY A 457 13.60 11.25 44.45
C GLY A 457 12.22 11.88 44.58
N SER A 458 11.26 11.40 43.78
CA SER A 458 9.91 11.93 43.86
C SER A 458 9.23 11.34 45.09
N PRO A 459 8.10 11.91 45.53
CA PRO A 459 7.40 11.38 46.72
C PRO A 459 7.07 9.92 46.50
N ILE A 460 6.75 9.63 45.24
CA ILE A 460 6.47 8.28 44.81
C ILE A 460 7.25 8.14 43.51
N ASP A 461 8.26 7.28 43.52
CA ASP A 461 9.06 7.05 42.32
C ASP A 461 8.31 5.99 41.51
N TYR A 462 7.96 6.34 40.27
CA TYR A 462 7.21 5.42 39.44
C TYR A 462 7.86 5.17 38.09
N GLY A 463 7.36 4.13 37.41
CA GLY A 463 7.89 3.78 36.10
C GLY A 463 6.81 3.94 35.04
N VAL A 464 7.23 4.13 33.80
CA VAL A 464 6.28 4.28 32.70
C VAL A 464 6.66 3.42 31.51
N ILE A 465 5.65 2.76 30.93
CA ILE A 465 5.82 1.89 29.74
C ILE A 465 5.24 2.70 28.58
N VAL A 466 6.08 3.03 27.60
CA VAL A 466 5.64 3.86 26.50
C VAL A 466 5.71 3.24 25.12
N ASP A 467 4.72 3.58 24.30
CA ASP A 467 4.63 3.10 22.93
C ASP A 467 4.19 4.32 22.09
N THR A 468 4.88 4.57 20.99
CA THR A 468 4.52 5.72 20.15
C THR A 468 4.02 5.26 18.77
N LYS A 469 3.37 6.17 18.03
CA LYS A 469 2.87 5.81 16.72
C LYS A 469 2.54 7.04 15.84
N ALA A 470 3.17 7.07 14.66
CA ALA A 470 2.94 8.14 13.68
C ALA A 470 1.80 7.63 12.81
N TYR A 471 0.77 8.46 12.64
CA TYR A 471 -0.41 8.05 11.89
C TYR A 471 -1.13 9.30 11.36
N SER A 472 -1.62 9.25 10.12
CA SER A 472 -2.30 10.43 9.58
C SER A 472 -3.80 10.45 9.85
N GLY A 473 -4.25 11.42 10.65
CA GLY A 473 -5.67 11.55 10.91
C GLY A 473 -6.22 11.54 12.33
N GLY A 474 -5.61 10.75 13.21
CA GLY A 474 -6.12 10.69 14.56
C GLY A 474 -6.35 9.25 14.97
N TYR A 475 -5.39 8.74 15.73
CA TYR A 475 -5.38 7.38 16.23
C TYR A 475 -6.58 7.04 17.12
N ASN A 476 -7.28 5.96 16.81
CA ASN A 476 -8.40 5.54 17.63
C ASN A 476 -7.95 4.41 18.55
N LEU A 477 -6.65 4.12 18.48
CA LEU A 477 -6.06 3.08 19.28
C LEU A 477 -6.60 1.68 18.94
N PRO A 478 -6.18 1.13 17.79
CA PRO A 478 -6.64 -0.21 17.37
C PRO A 478 -6.37 -1.24 18.47
N ILE A 479 -7.20 -2.28 18.55
CA ILE A 479 -7.00 -3.31 19.57
C ILE A 479 -5.66 -4.02 19.41
N GLY A 480 -5.07 -3.88 18.23
CA GLY A 480 -3.79 -4.51 17.97
C GLY A 480 -2.67 -3.87 18.76
N GLN A 481 -2.62 -2.54 18.77
CA GLN A 481 -1.58 -1.85 19.53
C GLN A 481 -1.86 -1.92 21.02
N ALA A 482 -3.14 -1.89 21.40
CA ALA A 482 -3.48 -1.99 22.81
C ALA A 482 -3.11 -3.40 23.23
N ASP A 483 -3.12 -4.32 22.26
CA ASP A 483 -2.76 -5.73 22.49
C ASP A 483 -1.26 -5.83 22.81
N GLU A 484 -0.43 -5.14 22.04
CA GLU A 484 1.03 -5.17 22.23
C GLU A 484 1.47 -4.52 23.55
N MET A 485 0.70 -3.55 24.03
CA MET A 485 1.02 -2.89 25.29
C MET A 485 0.65 -3.73 26.53
N GLN A 486 -0.37 -4.56 26.40
CA GLN A 486 -0.79 -5.41 27.51
C GLN A 486 0.32 -6.40 27.77
N ARG A 487 0.98 -6.82 26.68
CA ARG A 487 2.08 -7.77 26.75
C ARG A 487 3.27 -7.17 27.50
N TYR A 488 3.56 -5.88 27.29
CA TYR A 488 4.69 -5.26 27.98
C TYR A 488 4.39 -5.05 29.47
N VAL A 489 3.19 -4.56 29.76
CA VAL A 489 2.77 -4.33 31.15
C VAL A 489 2.80 -5.61 32.00
N GLU A 490 2.39 -6.74 31.42
CA GLU A 490 2.34 -8.03 32.12
C GLU A 490 3.69 -8.71 32.23
N GLU A 491 4.53 -8.49 31.23
CA GLU A 491 5.87 -9.07 31.21
C GLU A 491 6.74 -8.41 32.28
N ASN A 492 6.36 -7.18 32.64
CA ASN A 492 7.04 -6.38 33.66
C ASN A 492 6.46 -6.78 35.01
N GLN A 493 5.37 -7.53 34.97
CA GLN A 493 4.75 -8.01 36.18
C GLN A 493 5.27 -9.42 36.40
N THR A 494 5.11 -10.28 35.41
CA THR A 494 5.56 -11.67 35.52
C THR A 494 7.06 -11.81 35.51
N ARG A 495 7.72 -11.09 34.59
CA ARG A 495 9.17 -11.09 34.47
C ARG A 495 9.82 -12.48 34.36
N ASN A 496 9.35 -13.27 33.39
CA ASN A 496 9.89 -14.62 33.17
C ASN A 496 10.86 -14.55 31.98
N LYS A 497 12.10 -14.95 32.21
CA LYS A 497 13.13 -14.94 31.19
C LYS A 497 12.89 -15.92 30.05
N HIS A 498 11.97 -16.86 30.25
CA HIS A 498 11.68 -17.84 29.22
C HIS A 498 10.66 -17.23 28.25
N ILE A 499 9.70 -16.51 28.83
CA ILE A 499 8.67 -15.84 28.05
C ILE A 499 9.36 -14.76 27.19
N ASN A 500 10.27 -14.01 27.82
CA ASN A 500 11.02 -12.99 27.10
C ASN A 500 12.48 -13.01 27.55
N PRO A 501 13.32 -13.71 26.78
CA PRO A 501 14.77 -13.83 27.06
C PRO A 501 15.56 -12.52 27.14
N ASN A 502 15.03 -11.43 26.60
CA ASN A 502 15.76 -10.16 26.65
C ASN A 502 15.56 -9.37 27.93
N GLU A 503 14.79 -9.93 28.87
CA GLU A 503 14.54 -9.28 30.16
C GLU A 503 14.62 -7.76 30.11
N TRP A 504 13.90 -7.14 29.18
CA TRP A 504 13.94 -5.68 29.07
C TRP A 504 13.59 -4.94 30.36
N TRP A 505 12.70 -5.52 31.17
CA TRP A 505 12.26 -4.89 32.42
C TRP A 505 13.39 -4.51 33.37
N LYS A 506 14.59 -5.06 33.14
CA LYS A 506 15.74 -4.77 33.98
C LYS A 506 16.13 -3.29 33.94
N VAL A 507 15.65 -2.60 32.92
CA VAL A 507 15.92 -1.20 32.77
C VAL A 507 15.51 -0.47 34.05
N TYR A 508 14.44 -0.93 34.67
CA TYR A 508 13.92 -0.31 35.88
C TYR A 508 14.66 -0.65 37.18
N PRO A 509 14.66 0.29 38.14
CA PRO A 509 15.33 0.06 39.43
C PRO A 509 14.42 -0.91 40.16
N SER A 510 14.99 -1.87 40.88
CA SER A 510 14.19 -2.88 41.58
C SER A 510 13.20 -2.31 42.58
N SER A 511 13.53 -1.17 43.18
CA SER A 511 12.64 -0.57 44.15
C SER A 511 11.31 -0.11 43.56
N VAL A 512 11.27 0.10 42.25
CA VAL A 512 10.06 0.55 41.60
C VAL A 512 8.99 -0.53 41.54
N THR A 513 7.79 -0.19 42.04
CA THR A 513 6.68 -1.14 42.05
C THR A 513 5.39 -0.59 41.41
N GLU A 514 5.29 0.73 41.27
CA GLU A 514 4.10 1.36 40.68
C GLU A 514 4.35 1.74 39.22
N PHE A 515 3.60 1.13 38.30
CA PHE A 515 3.78 1.40 36.87
C PHE A 515 2.56 1.94 36.13
N LYS A 516 2.84 2.63 35.03
CA LYS A 516 1.83 3.23 34.17
C LYS A 516 2.10 2.84 32.74
N PHE A 517 1.08 2.93 31.88
CA PHE A 517 1.23 2.67 30.45
C PHE A 517 0.73 3.89 29.68
N LEU A 518 1.46 4.25 28.62
CA LEU A 518 1.14 5.42 27.84
C LEU A 518 1.28 5.20 26.33
N PHE A 519 0.33 5.75 25.59
CA PHE A 519 0.31 5.69 24.13
C PHE A 519 0.47 7.14 23.69
N VAL A 520 1.41 7.39 22.78
CA VAL A 520 1.67 8.73 22.28
C VAL A 520 1.52 8.80 20.74
N SER A 521 0.71 9.75 20.27
CA SER A 521 0.47 9.92 18.85
C SER A 521 0.12 11.38 18.49
N GLY A 522 0.03 11.67 17.18
CA GLY A 522 -0.32 13.01 16.73
C GLY A 522 -1.52 13.47 17.54
N HIS A 523 -2.61 12.72 17.46
CA HIS A 523 -3.79 13.04 18.26
C HIS A 523 -4.77 11.87 18.24
N PHE A 524 -5.57 11.76 19.30
CA PHE A 524 -6.50 10.65 19.40
C PHE A 524 -7.96 11.00 19.18
N LYS A 525 -8.70 10.00 18.71
CA LYS A 525 -10.13 10.17 18.46
C LYS A 525 -10.74 8.79 18.52
N GLY A 526 -12.07 8.71 18.62
CA GLY A 526 -12.73 7.42 18.66
C GLY A 526 -12.90 6.88 20.07
N ASN A 527 -13.12 5.57 20.18
CA ASN A 527 -13.30 4.97 21.51
C ASN A 527 -12.02 4.40 22.09
N TYR A 528 -10.96 5.20 22.08
CA TYR A 528 -9.68 4.77 22.61
C TYR A 528 -9.83 4.52 24.13
N LYS A 529 -10.73 5.25 24.76
CA LYS A 529 -10.95 5.13 26.20
C LYS A 529 -11.39 3.72 26.59
N ALA A 530 -12.29 3.13 25.81
CA ALA A 530 -12.77 1.79 26.09
C ALA A 530 -11.61 0.81 26.14
N GLN A 531 -10.56 1.11 25.37
CA GLN A 531 -9.36 0.26 25.35
C GLN A 531 -8.61 0.42 26.66
N LEU A 532 -8.52 1.67 27.12
CA LEU A 532 -7.84 2.01 28.37
C LEU A 532 -8.58 1.39 29.55
N THR A 533 -9.91 1.42 29.51
CA THR A 533 -10.72 0.86 30.58
C THR A 533 -10.50 -0.66 30.70
N ARG A 534 -10.36 -1.30 29.55
CA ARG A 534 -10.15 -2.74 29.50
C ARG A 534 -8.76 -3.15 29.97
N LEU A 535 -7.74 -2.40 29.56
CA LEU A 535 -6.36 -2.72 29.95
C LEU A 535 -6.12 -2.50 31.43
N ASN A 536 -6.80 -1.50 32.00
CA ASN A 536 -6.69 -1.19 33.42
C ASN A 536 -7.33 -2.27 34.29
N HIS A 537 -8.40 -2.86 33.76
CA HIS A 537 -9.16 -3.91 34.43
C HIS A 537 -8.40 -5.22 34.43
N ILE A 538 -7.69 -5.51 33.35
CA ILE A 538 -6.92 -6.74 33.24
C ILE A 538 -5.62 -6.69 34.02
N THR A 539 -4.86 -5.62 33.86
CA THR A 539 -3.56 -5.48 34.52
C THR A 539 -3.56 -4.69 35.82
N ASN A 540 -4.63 -3.93 36.05
CA ASN A 540 -4.79 -3.10 37.26
C ASN A 540 -3.91 -1.84 37.28
N CYS A 541 -3.19 -1.61 36.19
CA CYS A 541 -2.34 -0.44 36.06
C CYS A 541 -3.12 0.70 35.42
N ASN A 542 -2.75 1.94 35.75
CA ASN A 542 -3.41 3.10 35.18
C ASN A 542 -2.65 3.49 33.91
N GLY A 543 -3.36 4.02 32.94
CA GLY A 543 -2.74 4.42 31.70
C GLY A 543 -3.37 5.68 31.14
N ALA A 544 -2.94 6.08 29.95
CA ALA A 544 -3.48 7.27 29.33
C ALA A 544 -2.98 7.40 27.89
N VAL A 545 -3.54 8.37 27.17
CA VAL A 545 -3.13 8.68 25.81
C VAL A 545 -2.66 10.14 25.89
N LEU A 546 -1.69 10.49 25.06
CA LEU A 546 -1.09 11.83 25.06
C LEU A 546 -0.85 12.33 23.64
N SER A 547 -1.47 13.45 23.27
CA SER A 547 -1.26 14.02 21.93
C SER A 547 0.13 14.64 21.95
N VAL A 548 0.80 14.71 20.81
CA VAL A 548 2.15 15.29 20.80
C VAL A 548 2.17 16.74 21.30
N GLU A 549 1.14 17.51 20.98
CA GLU A 549 1.06 18.91 21.40
C GLU A 549 0.98 19.09 22.92
N GLU A 550 0.43 18.09 23.62
CA GLU A 550 0.33 18.15 25.07
C GLU A 550 1.67 17.66 25.67
N LEU A 551 2.39 16.84 24.90
CA LEU A 551 3.71 16.35 25.33
C LEU A 551 4.58 17.59 25.50
N LEU A 552 4.60 18.40 24.43
CA LEU A 552 5.35 19.64 24.36
C LEU A 552 4.87 20.65 25.39
N ILE A 553 3.56 20.80 25.52
CA ILE A 553 2.99 21.73 26.48
C ILE A 553 3.40 21.34 27.89
N GLY A 554 3.37 20.04 28.17
CA GLY A 554 3.75 19.55 29.48
C GLY A 554 5.23 19.65 29.74
N GLY A 555 6.04 19.65 28.68
CA GLY A 555 7.47 19.75 28.84
C GLY A 555 7.90 21.18 29.09
N GLU A 556 7.13 22.14 28.56
CA GLU A 556 7.44 23.54 28.74
C GLU A 556 7.03 23.98 30.15
N MET A 557 6.21 23.15 30.78
CA MET A 557 5.73 23.43 32.14
C MET A 557 6.75 22.92 33.12
N ILE A 558 7.32 21.75 32.83
CA ILE A 558 8.33 21.16 33.70
C ILE A 558 9.44 22.20 33.84
N LYS A 559 9.72 22.87 32.72
CA LYS A 559 10.76 23.88 32.66
C LYS A 559 10.36 25.24 33.22
N ALA A 560 9.11 25.66 32.95
CA ALA A 560 8.63 26.93 33.45
C ALA A 560 8.45 26.82 34.96
N GLY A 561 8.47 25.59 35.45
CA GLY A 561 8.34 25.35 36.87
C GLY A 561 6.92 25.18 37.38
N THR A 562 5.93 25.20 36.49
CA THR A 562 4.56 25.05 36.93
C THR A 562 4.00 23.64 36.78
N LEU A 563 4.88 22.65 36.78
CA LEU A 563 4.43 21.27 36.69
C LEU A 563 5.47 20.35 37.28
N THR A 564 5.04 19.35 38.04
CA THR A 564 5.96 18.41 38.64
C THR A 564 5.72 16.99 38.13
N LEU A 565 6.74 16.15 38.28
CA LEU A 565 6.65 14.75 37.86
C LEU A 565 5.64 13.96 38.72
N GLU A 566 5.29 14.50 39.89
CA GLU A 566 4.31 13.85 40.78
C GLU A 566 2.91 14.26 40.35
N GLU A 567 2.84 15.37 39.62
CA GLU A 567 1.57 15.86 39.12
C GLU A 567 1.21 15.11 37.85
N VAL A 568 2.24 14.63 37.14
CA VAL A 568 2.07 13.86 35.91
C VAL A 568 1.53 12.49 36.32
N ARG A 569 2.15 11.91 37.36
CA ARG A 569 1.74 10.62 37.90
C ARG A 569 0.23 10.56 38.00
N ARG A 570 -0.35 11.57 38.64
CA ARG A 570 -1.80 11.64 38.83
C ARG A 570 -2.59 11.91 37.56
N LYS A 571 -1.89 12.12 36.45
CA LYS A 571 -2.58 12.40 35.19
C LYS A 571 -3.10 11.13 34.55
N PHE A 572 -2.44 10.02 34.84
CA PHE A 572 -2.86 8.73 34.32
C PHE A 572 -4.17 8.35 35.00
N ASN A 573 -5.27 8.69 34.34
CA ASN A 573 -6.60 8.44 34.86
C ASN A 573 -7.41 7.53 33.93
N ASN A 574 -6.72 6.86 33.00
CA ASN A 574 -7.35 5.98 32.04
C ASN A 574 -8.19 6.78 31.03
N GLY A 575 -7.65 7.92 30.62
CA GLY A 575 -8.30 8.76 29.64
C GLY A 575 -7.22 9.53 28.89
N GLU A 576 -7.56 10.72 28.38
CA GLU A 576 -6.60 11.54 27.68
C GLU A 576 -6.02 12.56 28.66
N ILE A 577 -4.71 12.71 28.62
CA ILE A 577 -4.06 13.68 29.48
C ILE A 577 -4.06 15.06 28.81
N ASN A 578 -4.49 16.06 29.57
CA ASN A 578 -4.52 17.43 29.11
C ASN A 578 -3.96 18.31 30.23
N PHE A 579 -2.75 18.80 30.03
CA PHE A 579 -2.07 19.64 31.01
C PHE A 579 -2.69 21.02 31.17
N ILE B 5 -2.27 -9.68 -22.27
CA ILE B 5 -3.45 -10.51 -21.91
C ILE B 5 -4.51 -9.64 -21.19
N ARG B 6 -5.75 -9.78 -21.63
CA ARG B 6 -6.87 -9.01 -21.09
C ARG B 6 -7.88 -9.93 -20.40
N THR B 7 -8.87 -9.31 -19.77
CA THR B 7 -9.93 -10.03 -19.08
C THR B 7 -11.26 -9.48 -19.58
N PHE B 8 -12.10 -10.38 -20.11
CA PHE B 8 -13.40 -10.02 -20.65
C PHE B 8 -14.51 -10.95 -20.18
N GLY B 9 -15.75 -10.48 -20.30
CA GLY B 9 -16.90 -11.31 -19.93
C GLY B 9 -17.51 -11.10 -18.55
N TRP B 10 -16.78 -10.43 -17.68
CA TRP B 10 -17.25 -10.17 -16.33
C TRP B 10 -16.97 -8.72 -15.96
N VAL B 11 -17.94 -8.09 -15.32
CA VAL B 11 -17.83 -6.69 -14.89
C VAL B 11 -18.20 -6.63 -13.41
N GLN B 12 -17.29 -6.13 -12.57
CA GLN B 12 -17.54 -6.04 -11.13
C GLN B 12 -18.47 -4.86 -10.81
N ASN B 13 -18.08 -3.68 -11.28
CA ASN B 13 -18.89 -2.47 -11.09
C ASN B 13 -18.90 -1.82 -12.48
N PRO B 14 -20.05 -1.91 -13.19
CA PRO B 14 -20.26 -1.35 -14.53
C PRO B 14 -20.80 0.07 -14.67
N GLY B 15 -21.84 0.40 -13.91
CA GLY B 15 -22.40 1.75 -14.03
C GLY B 15 -23.82 1.77 -14.56
N LYS B 16 -24.16 2.82 -15.29
CA LYS B 16 -25.51 2.98 -15.86
C LYS B 16 -25.63 2.65 -17.35
N PHE B 17 -26.81 2.18 -17.76
CA PHE B 17 -27.07 1.84 -19.16
C PHE B 17 -26.98 3.17 -19.86
N GLU B 18 -27.51 4.18 -19.19
CA GLU B 18 -27.51 5.55 -19.69
C GLU B 18 -26.11 5.89 -20.22
N ASN B 19 -25.10 5.70 -19.38
CA ASN B 19 -23.72 5.99 -19.76
C ASN B 19 -23.07 4.94 -20.65
N LEU B 20 -23.65 3.74 -20.71
CA LEU B 20 -23.12 2.68 -21.55
C LEU B 20 -23.43 3.03 -23.00
N LYS B 21 -24.67 3.46 -23.24
CA LYS B 21 -25.08 3.84 -24.59
C LYS B 21 -24.12 4.91 -25.13
N ARG B 22 -23.73 5.84 -24.26
CA ARG B 22 -22.82 6.91 -24.63
C ARG B 22 -21.47 6.34 -25.05
N VAL B 23 -20.95 5.38 -24.27
CA VAL B 23 -19.64 4.79 -24.56
C VAL B 23 -19.66 4.08 -25.90
N VAL B 24 -20.81 3.54 -26.27
CA VAL B 24 -20.94 2.83 -27.53
C VAL B 24 -21.09 3.83 -28.68
N GLN B 25 -21.65 5.00 -28.38
CA GLN B 25 -21.85 6.03 -29.39
C GLN B 25 -20.59 6.76 -29.87
N VAL B 26 -19.61 6.92 -28.99
CA VAL B 26 -18.37 7.58 -29.40
C VAL B 26 -17.70 6.72 -30.47
N PHE B 27 -18.18 5.49 -30.60
CA PHE B 27 -17.66 4.53 -31.58
C PHE B 27 -18.35 4.75 -32.93
N ASP B 28 -19.41 5.56 -32.90
CA ASP B 28 -20.21 5.88 -34.08
C ASP B 28 -19.82 7.22 -34.70
N ARG B 29 -19.66 7.23 -36.02
CA ARG B 29 -19.28 8.44 -36.77
C ARG B 29 -20.40 9.47 -36.90
N ASN B 30 -21.62 8.98 -37.05
CA ASN B 30 -22.78 9.86 -37.19
C ASN B 30 -23.57 10.05 -35.90
N SER B 31 -22.93 9.76 -34.77
CA SER B 31 -23.58 9.92 -33.47
C SER B 31 -23.49 11.35 -32.98
N LYS B 32 -24.46 11.75 -32.15
CA LYS B 32 -24.49 13.10 -31.58
C LYS B 32 -23.56 13.23 -30.39
N VAL B 33 -23.34 12.12 -29.69
CA VAL B 33 -22.47 12.10 -28.51
C VAL B 33 -21.00 12.04 -28.94
N HIS B 34 -20.77 11.54 -30.16
CA HIS B 34 -19.43 11.41 -30.69
C HIS B 34 -18.71 12.76 -30.80
N ASN B 35 -19.30 13.68 -31.55
CA ASN B 35 -18.73 15.01 -31.73
C ASN B 35 -18.69 15.75 -30.41
N GLU B 36 -19.73 15.58 -29.61
CA GLU B 36 -19.83 16.24 -28.30
C GLU B 36 -18.63 15.99 -27.39
N VAL B 37 -17.94 14.86 -27.57
CA VAL B 37 -16.78 14.54 -26.74
C VAL B 37 -15.49 14.97 -27.43
N LYS B 38 -15.45 14.81 -28.75
CA LYS B 38 -14.27 15.18 -29.53
C LYS B 38 -14.17 16.69 -29.73
N ASN B 39 -15.30 17.36 -29.88
CA ASN B 39 -15.30 18.80 -30.12
C ASN B 39 -15.43 19.67 -28.89
N ILE B 40 -15.60 19.07 -27.72
CA ILE B 40 -15.73 19.88 -26.51
C ILE B 40 -15.21 19.19 -25.24
N LYS B 41 -15.69 17.98 -24.99
CA LYS B 41 -15.30 17.22 -23.82
C LYS B 41 -13.78 17.03 -23.73
N ILE B 42 -13.15 16.65 -24.83
CA ILE B 42 -11.72 16.47 -24.81
C ILE B 42 -11.01 17.82 -24.73
N PRO B 43 -11.24 18.71 -25.71
CA PRO B 43 -10.59 20.02 -25.68
C PRO B 43 -10.87 20.84 -24.42
N THR B 44 -11.62 20.27 -23.49
CA THR B 44 -11.94 20.98 -22.24
C THR B 44 -11.48 20.25 -20.98
N LEU B 45 -11.62 18.92 -20.96
CA LEU B 45 -11.22 18.15 -19.80
C LEU B 45 -9.81 17.61 -19.92
N VAL B 46 -9.35 17.40 -21.14
CA VAL B 46 -8.00 16.88 -21.35
C VAL B 46 -6.99 18.02 -21.38
N LYS B 47 -6.70 18.55 -20.19
CA LYS B 47 -5.74 19.64 -20.05
C LYS B 47 -4.34 19.15 -20.38
N GLU B 48 -4.00 19.20 -21.67
CA GLU B 48 -2.68 18.79 -22.16
C GLU B 48 -2.73 18.63 -23.68
N SER B 49 -2.55 19.74 -24.38
CA SER B 49 -2.58 19.77 -25.84
C SER B 49 -2.06 18.46 -26.44
N LYS B 50 -0.91 18.00 -25.95
CA LYS B 50 -0.31 16.77 -26.47
C LYS B 50 -1.28 15.60 -26.55
N ILE B 51 -1.89 15.24 -25.44
CA ILE B 51 -2.83 14.12 -25.41
C ILE B 51 -4.17 14.50 -26.01
N GLN B 52 -4.63 15.71 -25.73
CA GLN B 52 -5.89 16.20 -26.24
C GLN B 52 -5.89 16.16 -27.75
N LYS B 53 -4.94 16.88 -28.35
CA LYS B 53 -4.82 16.93 -29.80
C LYS B 53 -4.70 15.53 -30.39
N GLU B 54 -3.97 14.67 -29.69
CA GLU B 54 -3.78 13.29 -30.14
C GLU B 54 -5.12 12.54 -30.10
N LEU B 55 -5.83 12.67 -29.00
CA LEU B 55 -7.12 12.01 -28.82
C LEU B 55 -8.14 12.50 -29.84
N VAL B 56 -8.26 13.82 -29.96
CA VAL B 56 -9.18 14.45 -30.91
C VAL B 56 -8.96 13.89 -32.32
N ALA B 57 -7.70 13.62 -32.65
CA ALA B 57 -7.34 13.11 -33.97
C ALA B 57 -8.03 11.79 -34.29
N ILE B 58 -7.57 10.72 -33.66
CA ILE B 58 -8.12 9.38 -33.87
C ILE B 58 -9.65 9.38 -33.93
N MET B 59 -10.28 10.22 -33.10
CA MET B 59 -11.74 10.29 -33.09
C MET B 59 -12.27 10.75 -34.44
N ASN B 60 -11.35 11.19 -35.29
CA ASN B 60 -11.70 11.70 -36.62
C ASN B 60 -11.68 10.68 -37.76
N GLN B 61 -12.86 10.34 -38.24
CA GLN B 61 -13.03 9.39 -39.34
C GLN B 61 -11.94 8.32 -39.38
N LEU B 64 -13.19 4.47 -37.73
CA LEU B 64 -12.97 4.69 -36.27
C LEU B 64 -12.60 3.40 -35.55
N ILE B 65 -11.43 3.40 -34.94
CA ILE B 65 -10.93 2.26 -34.18
C ILE B 65 -10.14 2.87 -33.05
N TYR B 66 -10.22 2.26 -31.87
CA TYR B 66 -9.51 2.78 -30.71
C TYR B 66 -8.76 1.67 -29.99
N THR B 67 -7.70 2.04 -29.29
CA THR B 67 -6.90 1.08 -28.53
C THR B 67 -7.32 1.08 -27.06
N TYR B 68 -6.97 0.03 -26.34
CA TYR B 68 -7.30 -0.08 -24.93
C TYR B 68 -6.84 1.17 -24.15
N LYS B 69 -5.56 1.51 -24.29
CA LYS B 69 -4.97 2.66 -23.61
C LYS B 69 -5.59 4.01 -23.99
N GLU B 70 -6.07 4.11 -25.22
CA GLU B 70 -6.68 5.34 -25.69
C GLU B 70 -8.04 5.51 -25.05
N LEU B 71 -8.77 4.39 -25.00
CA LEU B 71 -10.11 4.34 -24.44
C LEU B 71 -10.13 4.47 -22.92
N VAL B 72 -9.29 3.67 -22.26
CA VAL B 72 -9.22 3.64 -20.80
C VAL B 72 -8.23 4.61 -20.14
N GLY B 73 -7.07 4.81 -20.75
CA GLY B 73 -6.09 5.73 -20.20
C GLY B 73 -5.29 5.20 -19.03
N THR B 74 -4.77 6.11 -18.21
CA THR B 74 -3.98 5.74 -17.03
C THR B 74 -4.48 6.39 -15.75
N GLY B 75 -3.93 5.95 -14.62
CA GLY B 75 -4.34 6.48 -13.33
C GLY B 75 -3.18 6.91 -12.45
N THR B 76 -3.50 7.64 -11.39
CA THR B 76 -2.48 8.11 -10.45
C THR B 76 -2.61 7.42 -9.11
N ALA B 82 -5.14 12.63 -10.32
CA ALA B 82 -4.88 12.25 -11.74
C ALA B 82 -5.78 13.01 -12.69
N PRO B 83 -5.21 13.60 -13.75
CA PRO B 83 -5.97 14.35 -14.74
C PRO B 83 -6.70 13.43 -15.70
N CYS B 84 -7.54 14.02 -16.56
CA CYS B 84 -8.27 13.25 -17.56
C CYS B 84 -7.22 12.70 -18.52
N ASP B 85 -7.34 11.44 -18.90
CA ASP B 85 -6.35 10.81 -19.75
C ASP B 85 -6.86 10.00 -20.94
N ALA B 86 -8.13 9.62 -20.92
CA ALA B 86 -8.65 8.79 -22.01
C ALA B 86 -9.88 9.34 -22.72
N ILE B 87 -10.43 8.52 -23.61
CA ILE B 87 -11.62 8.89 -24.36
C ILE B 87 -12.85 8.62 -23.50
N ILE B 88 -12.98 7.39 -23.01
CA ILE B 88 -14.12 7.02 -22.18
C ILE B 88 -14.14 7.86 -20.90
N GLN B 89 -12.97 8.35 -20.49
CA GLN B 89 -12.89 9.18 -19.29
C GLN B 89 -13.57 10.51 -19.52
N ALA B 90 -13.22 11.14 -20.65
CA ALA B 90 -13.77 12.43 -21.02
C ALA B 90 -15.27 12.36 -21.31
N THR B 91 -15.76 11.16 -21.55
CA THR B 91 -17.16 10.92 -21.88
C THR B 91 -18.09 10.82 -20.68
N ILE B 92 -17.68 10.08 -19.66
CA ILE B 92 -18.53 9.92 -18.48
C ILE B 92 -18.04 10.80 -17.32
N ALA B 93 -18.98 11.27 -16.50
CA ALA B 93 -18.62 12.13 -15.39
C ALA B 93 -18.83 11.51 -14.01
N ASP B 94 -17.95 11.90 -13.09
CA ASP B 94 -17.98 11.45 -11.72
C ASP B 94 -19.33 11.77 -11.06
N GLN B 95 -19.53 11.25 -9.86
CA GLN B 95 -20.76 11.50 -9.12
C GLN B 95 -20.63 12.90 -8.55
N GLY B 96 -21.62 13.75 -8.84
CA GLY B 96 -21.58 15.11 -8.38
C GLY B 96 -20.86 16.01 -9.36
N ASN B 97 -20.35 15.42 -10.43
CA ASN B 97 -19.61 16.16 -11.46
C ASN B 97 -18.58 17.09 -10.87
N LYS B 98 -18.21 16.84 -9.62
CA LYS B 98 -17.22 17.66 -8.92
C LYS B 98 -15.87 17.74 -9.64
N LYS B 99 -15.75 17.03 -10.75
CA LYS B 99 -14.52 17.01 -11.52
C LYS B 99 -14.79 17.05 -13.02
N GLY B 100 -15.97 16.57 -13.41
CA GLY B 100 -16.34 16.54 -14.80
C GLY B 100 -15.96 15.29 -15.56
N TYR B 101 -15.23 14.38 -14.93
CA TYR B 101 -14.81 13.14 -15.58
C TYR B 101 -14.52 12.04 -14.57
N ILE B 102 -14.42 10.79 -15.06
CA ILE B 102 -14.18 9.64 -14.20
C ILE B 102 -12.77 9.05 -14.32
N ASP B 103 -12.51 8.02 -13.50
CA ASP B 103 -11.20 7.36 -13.48
C ASP B 103 -11.02 6.28 -14.53
N ASN B 104 -9.79 5.80 -14.67
CA ASN B 104 -9.47 4.76 -15.64
C ASN B 104 -10.04 3.40 -15.28
N TRP B 105 -10.33 3.19 -14.00
CA TRP B 105 -10.88 1.91 -13.57
C TRP B 105 -12.34 1.81 -14.00
N SER B 106 -13.08 2.89 -13.76
CA SER B 106 -14.49 2.98 -14.12
C SER B 106 -14.60 2.89 -15.64
N SER B 107 -13.64 3.53 -16.31
CA SER B 107 -13.62 3.55 -17.77
C SER B 107 -13.49 2.16 -18.36
N ASP B 108 -12.92 1.24 -17.58
CA ASP B 108 -12.74 -0.14 -18.03
C ASP B 108 -14.02 -0.98 -17.86
N GLY B 109 -14.77 -0.70 -16.79
CA GLY B 109 -16.00 -1.43 -16.56
C GLY B 109 -17.00 -1.08 -17.64
N PHE B 110 -16.81 0.08 -18.25
CA PHE B 110 -17.69 0.52 -19.32
C PHE B 110 -17.23 -0.17 -20.60
N LEU B 111 -15.92 -0.21 -20.80
CA LEU B 111 -15.33 -0.85 -21.97
C LEU B 111 -15.56 -2.37 -21.95
N ARG B 112 -15.55 -2.96 -20.76
CA ARG B 112 -15.76 -4.40 -20.62
C ARG B 112 -17.24 -4.76 -20.65
N TRP B 113 -18.10 -3.75 -20.53
CA TRP B 113 -19.54 -3.94 -20.53
C TRP B 113 -19.99 -4.05 -22.00
N ALA B 114 -19.65 -3.04 -22.78
CA ALA B 114 -20.01 -2.98 -24.20
C ALA B 114 -19.42 -4.13 -25.01
N HIS B 115 -18.36 -4.76 -24.50
CA HIS B 115 -17.75 -5.88 -25.21
C HIS B 115 -18.45 -7.18 -24.82
N ALA B 116 -18.91 -7.25 -23.57
CA ALA B 116 -19.61 -8.44 -23.09
C ALA B 116 -20.96 -8.57 -23.78
N LEU B 117 -21.64 -7.43 -23.96
CA LEU B 117 -22.94 -7.39 -24.59
C LEU B 117 -22.85 -7.45 -26.13
N GLY B 118 -21.66 -7.21 -26.66
CA GLY B 118 -21.46 -7.28 -28.09
C GLY B 118 -21.63 -6.00 -28.89
N PHE B 119 -21.75 -4.87 -28.19
CA PHE B 119 -21.91 -3.59 -28.87
C PHE B 119 -20.61 -3.13 -29.55
N ILE B 120 -19.51 -3.79 -29.23
CA ILE B 120 -18.20 -3.48 -29.82
C ILE B 120 -17.44 -4.79 -29.94
N GLU B 121 -16.37 -4.81 -30.73
CA GLU B 121 -15.58 -6.03 -30.92
C GLU B 121 -14.09 -5.82 -30.71
N TYR B 122 -13.47 -6.80 -30.07
CA TYR B 122 -12.05 -6.75 -29.76
C TYR B 122 -11.18 -7.47 -30.79
N ILE B 123 -10.06 -6.84 -31.14
CA ILE B 123 -9.14 -7.43 -32.09
C ILE B 123 -7.83 -7.75 -31.37
N ASN B 124 -7.72 -9.00 -30.93
CA ASN B 124 -6.56 -9.49 -30.20
C ASN B 124 -5.18 -9.05 -30.74
N LYS B 125 -5.11 -8.67 -32.00
CA LYS B 125 -3.84 -8.23 -32.58
C LYS B 125 -3.60 -6.75 -32.39
N SER B 126 -4.67 -5.96 -32.49
CA SER B 126 -4.55 -4.51 -32.33
C SER B 126 -4.71 -4.06 -30.88
N ASP B 127 -5.34 -4.90 -30.06
CA ASP B 127 -5.59 -4.53 -28.67
C ASP B 127 -6.43 -3.26 -28.84
N SER B 128 -7.36 -3.34 -29.78
CA SER B 128 -8.23 -2.23 -30.11
C SER B 128 -9.66 -2.72 -30.26
N PHE B 129 -10.61 -1.79 -30.11
CA PHE B 129 -12.01 -2.13 -30.21
C PHE B 129 -12.68 -1.39 -31.37
N VAL B 130 -13.68 -2.03 -31.96
CA VAL B 130 -14.42 -1.45 -33.07
C VAL B 130 -15.91 -1.82 -32.95
N ILE B 131 -16.78 -0.85 -33.23
CA ILE B 131 -18.22 -1.07 -33.14
C ILE B 131 -18.67 -2.24 -33.99
N THR B 132 -19.83 -2.81 -33.65
CA THR B 132 -20.41 -3.90 -34.41
C THR B 132 -21.68 -3.34 -35.06
N ASP B 133 -22.46 -4.19 -35.71
CA ASP B 133 -23.68 -3.75 -36.39
C ASP B 133 -24.84 -3.55 -35.41
N VAL B 134 -24.87 -4.37 -34.35
CA VAL B 134 -25.91 -4.27 -33.34
C VAL B 134 -25.65 -3.10 -32.41
N GLY B 135 -24.39 -2.67 -32.35
CA GLY B 135 -24.03 -1.53 -31.52
C GLY B 135 -24.40 -0.27 -32.27
N LEU B 136 -24.27 -0.32 -33.59
CA LEU B 136 -24.62 0.81 -34.45
C LEU B 136 -26.13 0.96 -34.33
N ALA B 137 -26.78 -0.17 -34.08
CA ALA B 137 -28.22 -0.22 -33.92
C ALA B 137 -28.58 0.35 -32.56
N TYR B 138 -27.79 0.02 -31.53
CA TYR B 138 -28.06 0.53 -30.18
C TYR B 138 -27.82 2.03 -30.20
N SER B 139 -26.69 2.41 -30.77
CA SER B 139 -26.28 3.82 -30.88
C SER B 139 -27.37 4.66 -31.57
N LYS B 140 -27.98 4.08 -32.60
CA LYS B 140 -29.03 4.75 -33.37
C LYS B 140 -30.39 4.74 -32.69
N SER B 141 -30.66 3.69 -31.92
CA SER B 141 -31.93 3.55 -31.23
C SER B 141 -32.32 4.80 -30.43
N ALA B 142 -33.62 5.07 -30.36
CA ALA B 142 -34.12 6.22 -29.64
C ALA B 142 -34.29 5.88 -28.17
N ASP B 143 -33.83 6.78 -27.31
CA ASP B 143 -33.91 6.58 -25.88
C ASP B 143 -35.29 6.14 -25.44
N GLY B 144 -35.33 5.29 -24.42
CA GLY B 144 -36.59 4.80 -23.88
C GLY B 144 -37.50 4.03 -24.83
N SER B 145 -37.21 4.05 -26.12
CA SER B 145 -38.06 3.36 -27.08
C SER B 145 -38.18 1.86 -26.77
N ALA B 146 -38.90 1.15 -27.62
CA ALA B 146 -39.09 -0.29 -27.46
C ALA B 146 -38.02 -0.99 -28.29
N ILE B 147 -37.66 -0.36 -29.40
CA ILE B 147 -36.65 -0.89 -30.31
C ILE B 147 -35.29 -0.95 -29.59
N GLU B 148 -35.09 -0.06 -28.63
CA GLU B 148 -33.85 -0.01 -27.88
C GLU B 148 -33.84 -1.14 -26.85
N LYS B 149 -35.00 -1.43 -26.30
CA LYS B 149 -35.16 -2.48 -25.32
C LYS B 149 -34.87 -3.82 -25.99
N GLU B 150 -35.52 -4.08 -27.12
CA GLU B 150 -35.35 -5.32 -27.87
C GLU B 150 -33.87 -5.56 -28.16
N ILE B 151 -33.18 -4.50 -28.53
CA ILE B 151 -31.75 -4.55 -28.84
C ILE B 151 -30.95 -4.95 -27.61
N LEU B 152 -31.33 -4.41 -26.46
CA LEU B 152 -30.65 -4.70 -25.20
C LEU B 152 -30.95 -6.10 -24.68
N ILE B 153 -32.18 -6.56 -24.89
CA ILE B 153 -32.60 -7.88 -24.46
C ILE B 153 -31.98 -8.95 -25.35
N GLU B 154 -31.62 -8.56 -26.57
CA GLU B 154 -31.02 -9.47 -27.53
C GLU B 154 -29.53 -9.57 -27.24
N ALA B 155 -28.90 -8.45 -26.89
CA ALA B 155 -27.48 -8.45 -26.60
C ALA B 155 -27.20 -9.27 -25.34
N ILE B 156 -27.96 -9.01 -24.28
CA ILE B 156 -27.80 -9.73 -23.02
C ILE B 156 -28.22 -11.20 -23.17
N SER B 157 -29.23 -11.46 -24.00
CA SER B 157 -29.69 -12.82 -24.22
C SER B 157 -28.54 -13.66 -24.79
N SER B 158 -27.51 -13.00 -25.28
CA SER B 158 -26.35 -13.66 -25.87
C SER B 158 -25.17 -13.76 -24.90
N TYR B 159 -25.37 -13.23 -23.69
CA TYR B 159 -24.38 -13.22 -22.63
C TYR B 159 -24.69 -14.40 -21.71
N PRO B 160 -23.93 -15.51 -21.83
CA PRO B 160 -24.16 -16.72 -21.01
C PRO B 160 -24.47 -16.48 -19.53
N PRO B 161 -23.57 -15.82 -18.79
CA PRO B 161 -23.86 -15.59 -17.37
C PRO B 161 -25.29 -15.08 -17.11
N ALA B 162 -25.81 -14.25 -18.01
CA ALA B 162 -27.17 -13.73 -17.83
C ALA B 162 -28.19 -14.87 -17.95
N ILE B 163 -27.97 -15.77 -18.90
CA ILE B 163 -28.87 -16.90 -19.11
C ILE B 163 -28.73 -17.88 -17.96
N ARG B 164 -27.51 -17.98 -17.42
CA ARG B 164 -27.22 -18.86 -16.29
C ARG B 164 -28.10 -18.44 -15.09
N ILE B 165 -28.19 -17.13 -14.87
CA ILE B 165 -28.99 -16.61 -13.77
C ILE B 165 -30.46 -16.98 -13.96
N LEU B 166 -30.96 -16.78 -15.18
CA LEU B 166 -32.35 -17.09 -15.44
C LEU B 166 -32.61 -18.58 -15.22
N THR B 167 -31.69 -19.43 -15.65
CA THR B 167 -31.83 -20.88 -15.48
C THR B 167 -31.96 -21.23 -13.99
N LEU B 168 -31.02 -20.72 -13.19
CA LEU B 168 -31.02 -20.97 -11.74
C LEU B 168 -32.30 -20.46 -11.06
N LEU B 169 -33.04 -19.59 -11.74
CA LEU B 169 -34.26 -19.02 -11.20
C LEU B 169 -35.50 -19.54 -11.93
N GLU B 170 -35.29 -20.39 -12.94
CA GLU B 170 -36.37 -20.94 -13.75
C GLU B 170 -37.60 -21.50 -13.04
N ASP B 171 -37.41 -22.10 -11.87
CA ASP B 171 -38.56 -22.66 -11.16
C ASP B 171 -39.33 -21.63 -10.32
N GLY B 172 -39.03 -20.35 -10.48
CA GLY B 172 -39.75 -19.32 -9.74
C GLY B 172 -39.32 -19.16 -8.30
N GLN B 173 -38.07 -19.49 -8.02
CA GLN B 173 -37.52 -19.40 -6.68
C GLN B 173 -37.03 -17.98 -6.39
N HIS B 174 -37.14 -17.59 -5.12
CA HIS B 174 -36.68 -16.26 -4.70
C HIS B 174 -35.28 -16.50 -4.13
N LEU B 175 -34.27 -16.13 -4.91
CA LEU B 175 -32.87 -16.37 -4.54
C LEU B 175 -32.00 -15.14 -4.28
N THR B 176 -31.15 -15.22 -3.25
CA THR B 176 -30.24 -14.11 -2.91
C THR B 176 -29.02 -14.20 -3.81
N LYS B 177 -28.17 -13.17 -3.74
CA LYS B 177 -26.98 -13.12 -4.57
C LYS B 177 -25.98 -14.21 -4.17
N PHE B 178 -26.11 -14.74 -2.96
CA PHE B 178 -25.24 -15.78 -2.45
C PHE B 178 -25.57 -17.17 -3.00
N ASP B 179 -26.87 -17.46 -3.14
CA ASP B 179 -27.32 -18.75 -3.67
C ASP B 179 -27.01 -18.87 -5.15
N LEU B 180 -27.05 -17.73 -5.84
CA LEU B 180 -26.77 -17.66 -7.27
C LEU B 180 -25.27 -17.69 -7.48
N GLY B 181 -24.54 -16.96 -6.65
CA GLY B 181 -23.09 -16.90 -6.77
C GLY B 181 -22.42 -18.25 -6.72
N LYS B 182 -22.81 -19.08 -5.75
CA LYS B 182 -22.21 -20.40 -5.62
C LYS B 182 -22.35 -21.27 -6.87
N ASN B 183 -23.19 -20.85 -7.81
CA ASN B 183 -23.44 -21.61 -9.03
C ASN B 183 -23.20 -20.78 -10.29
N LEU B 184 -22.35 -19.76 -10.17
CA LEU B 184 -22.05 -18.88 -11.29
C LEU B 184 -20.57 -18.73 -11.54
N GLY B 185 -20.18 -18.88 -12.81
CA GLY B 185 -18.79 -18.76 -13.17
C GLY B 185 -18.09 -20.05 -12.87
N PHE B 186 -16.78 -20.00 -12.70
CA PHE B 186 -16.04 -21.20 -12.37
C PHE B 186 -16.00 -21.25 -10.84
N SER B 187 -17.21 -21.34 -10.29
CA SER B 187 -17.45 -21.37 -8.85
C SER B 187 -16.37 -22.00 -8.00
N GLY B 188 -16.03 -21.30 -6.92
CA GLY B 188 -15.04 -21.80 -6.00
C GLY B 188 -13.63 -21.29 -6.16
N GLU B 189 -13.24 -20.97 -7.39
CA GLU B 189 -11.88 -20.48 -7.62
C GLU B 189 -11.72 -18.98 -7.40
N SER B 190 -10.48 -18.55 -7.29
CA SER B 190 -10.13 -17.15 -7.05
C SER B 190 -11.10 -16.06 -7.53
N GLY B 191 -11.24 -15.90 -8.84
CA GLY B 191 -12.13 -14.85 -9.30
C GLY B 191 -13.62 -15.15 -9.20
N PHE B 192 -13.98 -16.26 -8.56
CA PHE B 192 -15.39 -16.64 -8.43
C PHE B 192 -15.74 -17.26 -7.08
N THR B 193 -15.48 -16.51 -6.01
CA THR B 193 -15.79 -16.98 -4.68
C THR B 193 -17.25 -16.64 -4.35
N SER B 194 -17.75 -17.22 -3.26
CA SER B 194 -19.11 -17.00 -2.82
C SER B 194 -19.20 -17.33 -1.32
N LEU B 195 -19.62 -16.34 -0.53
CA LEU B 195 -19.77 -16.52 0.92
C LEU B 195 -21.00 -17.36 1.23
N PRO B 196 -20.85 -18.41 2.07
CA PRO B 196 -22.01 -19.25 2.41
C PRO B 196 -23.12 -18.38 3.03
N GLU B 197 -24.28 -18.36 2.37
CA GLU B 197 -25.41 -17.56 2.82
C GLU B 197 -25.74 -17.69 4.30
N GLY B 198 -25.76 -18.92 4.81
CA GLY B 198 -26.06 -19.15 6.21
C GLY B 198 -25.06 -18.53 7.16
N ILE B 199 -23.78 -18.62 6.79
CA ILE B 199 -22.71 -18.05 7.58
C ILE B 199 -22.73 -16.53 7.48
N LEU B 200 -23.09 -16.00 6.32
CA LEU B 200 -23.16 -14.54 6.18
C LEU B 200 -24.34 -13.97 6.98
N LEU B 201 -25.46 -14.70 6.98
CA LEU B 201 -26.65 -14.26 7.71
C LEU B 201 -26.48 -14.35 9.22
N ASP B 202 -25.63 -15.26 9.69
CA ASP B 202 -25.43 -15.38 11.12
C ASP B 202 -24.69 -14.14 11.62
N THR B 203 -23.68 -13.68 10.88
CA THR B 203 -22.94 -12.50 11.33
C THR B 203 -23.87 -11.30 11.21
N LEU B 204 -24.77 -11.36 10.23
CA LEU B 204 -25.73 -10.29 9.99
C LEU B 204 -26.58 -10.04 11.23
N ALA B 205 -27.09 -11.13 11.80
CA ALA B 205 -27.99 -11.08 12.96
C ALA B 205 -27.31 -10.77 14.28
N ASN B 206 -26.01 -11.02 14.36
CA ASN B 206 -25.30 -10.77 15.60
C ASN B 206 -24.49 -9.48 15.60
N ALA B 207 -24.71 -8.66 14.58
CA ALA B 207 -23.98 -7.39 14.45
C ALA B 207 -24.72 -6.18 15.03
N MET B 208 -23.95 -5.15 15.34
CA MET B 208 -24.51 -3.93 15.88
C MET B 208 -25.21 -3.26 14.70
N PRO B 209 -26.35 -2.59 14.95
CA PRO B 209 -27.12 -1.90 13.90
C PRO B 209 -26.29 -1.05 12.95
N LYS B 210 -25.35 -0.28 13.51
CA LYS B 210 -24.50 0.58 12.71
C LYS B 210 -23.73 -0.18 11.64
N ASP B 211 -23.61 -1.49 11.80
CA ASP B 211 -22.87 -2.31 10.83
C ASP B 211 -23.74 -3.23 9.97
N LYS B 212 -25.02 -3.34 10.30
CA LYS B 212 -25.95 -4.22 9.56
C LYS B 212 -26.18 -3.87 8.09
N GLY B 213 -25.85 -2.64 7.69
CA GLY B 213 -26.07 -2.26 6.31
C GLY B 213 -24.90 -2.61 5.41
N GLU B 214 -23.69 -2.49 5.94
CA GLU B 214 -22.47 -2.80 5.20
C GLU B 214 -22.30 -4.31 4.90
N ILE B 215 -22.51 -5.16 5.88
CA ILE B 215 -22.34 -6.57 5.62
C ILE B 215 -23.48 -7.10 4.75
N ARG B 216 -24.69 -6.56 4.95
CA ARG B 216 -25.83 -7.00 4.16
C ARG B 216 -25.69 -6.66 2.67
N ASN B 217 -25.14 -5.49 2.36
CA ASN B 217 -24.97 -5.09 0.97
C ASN B 217 -23.52 -5.10 0.48
N ASN B 218 -22.55 -4.92 1.38
CA ASN B 218 -21.14 -4.87 0.98
C ASN B 218 -20.24 -6.10 1.25
N TRP B 219 -20.76 -7.14 1.89
CA TRP B 219 -19.96 -8.35 2.14
C TRP B 219 -20.34 -9.40 1.09
N GLU B 220 -19.45 -9.61 0.13
CA GLU B 220 -19.73 -10.56 -0.93
C GLU B 220 -18.46 -11.10 -1.61
N GLY B 221 -18.58 -12.27 -2.22
CA GLY B 221 -17.47 -12.86 -2.94
C GLY B 221 -17.54 -12.40 -4.39
N SER B 222 -16.51 -12.70 -5.18
CA SER B 222 -16.49 -12.29 -6.57
C SER B 222 -17.75 -12.68 -7.33
N SER B 223 -18.16 -13.94 -7.20
CA SER B 223 -19.36 -14.45 -7.86
C SER B 223 -20.65 -13.86 -7.31
N ASP B 224 -20.61 -13.38 -6.06
CA ASP B 224 -21.78 -12.78 -5.42
C ASP B 224 -21.97 -11.38 -6.02
N LYS B 225 -20.85 -10.75 -6.36
CA LYS B 225 -20.86 -9.42 -6.96
C LYS B 225 -21.48 -9.52 -8.35
N TYR B 226 -20.97 -10.44 -9.16
CA TYR B 226 -21.46 -10.63 -10.51
C TYR B 226 -22.94 -10.90 -10.51
N ALA B 227 -23.35 -11.91 -9.75
CA ALA B 227 -24.75 -12.29 -9.65
C ALA B 227 -25.64 -11.07 -9.34
N ARG B 228 -25.10 -10.14 -8.56
CA ARG B 228 -25.81 -8.92 -8.18
C ARG B 228 -25.82 -7.93 -9.33
N MET B 229 -24.66 -7.79 -9.97
CA MET B 229 -24.50 -6.87 -11.09
C MET B 229 -25.31 -7.31 -12.31
N ILE B 230 -25.34 -8.62 -12.57
CA ILE B 230 -26.09 -9.13 -13.71
C ILE B 230 -27.57 -9.19 -13.38
N GLY B 231 -27.87 -9.45 -12.12
CA GLY B 231 -29.25 -9.53 -11.68
C GLY B 231 -29.90 -8.17 -11.82
N GLY B 232 -29.12 -7.12 -11.61
CA GLY B 232 -29.64 -5.77 -11.73
C GLY B 232 -29.88 -5.41 -13.18
N TRP B 233 -28.97 -5.83 -14.06
CA TRP B 233 -29.10 -5.60 -15.49
C TRP B 233 -30.42 -6.22 -15.96
N LEU B 234 -30.62 -7.48 -15.56
CA LEU B 234 -31.82 -8.23 -15.91
C LEU B 234 -33.09 -7.60 -15.35
N ASP B 235 -33.01 -7.06 -14.14
CA ASP B 235 -34.16 -6.42 -13.51
C ASP B 235 -34.54 -5.18 -14.34
N LYS B 236 -33.53 -4.48 -14.84
CA LYS B 236 -33.72 -3.29 -15.65
C LYS B 236 -34.47 -3.63 -16.94
N LEU B 237 -34.02 -4.69 -17.62
CA LEU B 237 -34.63 -5.12 -18.88
C LEU B 237 -35.90 -5.90 -18.59
N GLY B 238 -36.23 -5.98 -17.29
CA GLY B 238 -37.43 -6.65 -16.84
C GLY B 238 -37.49 -8.17 -16.95
N LEU B 239 -36.35 -8.83 -17.12
CA LEU B 239 -36.36 -10.29 -17.23
C LEU B 239 -36.50 -10.96 -15.86
N VAL B 240 -36.21 -10.19 -14.82
CA VAL B 240 -36.36 -10.65 -13.44
C VAL B 240 -36.86 -9.48 -12.60
N LYS B 241 -37.10 -9.73 -11.31
CA LYS B 241 -37.55 -8.69 -10.39
C LYS B 241 -36.63 -8.70 -9.18
N GLN B 242 -36.10 -7.54 -8.83
CA GLN B 242 -35.23 -7.46 -7.67
C GLN B 242 -36.09 -7.15 -6.44
N GLY B 243 -35.78 -7.81 -5.33
CA GLY B 243 -36.54 -7.60 -4.11
C GLY B 243 -36.02 -8.38 -2.91
N LYS B 244 -35.69 -7.64 -1.85
CA LYS B 244 -35.18 -8.24 -0.61
C LYS B 244 -35.89 -9.54 -0.21
N LYS B 245 -35.15 -10.43 0.42
CA LYS B 245 -35.71 -11.70 0.87
C LYS B 245 -35.68 -11.75 2.39
N GLU B 246 -36.75 -12.28 2.97
CA GLU B 246 -36.89 -12.37 4.41
C GLU B 246 -36.41 -13.68 5.02
N PHE B 247 -35.66 -13.58 6.11
CA PHE B 247 -35.15 -14.76 6.82
C PHE B 247 -35.42 -14.69 8.33
N ILE B 248 -35.49 -15.84 8.97
CA ILE B 248 -35.63 -15.90 10.42
C ILE B 248 -34.33 -16.58 10.84
N ILE B 249 -33.49 -15.88 11.59
CA ILE B 249 -32.20 -16.41 12.03
C ILE B 249 -32.09 -16.29 13.54
N PRO B 250 -32.49 -17.34 14.28
CA PRO B 250 -32.42 -17.28 15.74
C PRO B 250 -31.09 -16.74 16.27
N THR B 251 -31.16 -16.09 17.43
CA THR B 251 -29.99 -15.57 18.11
C THR B 251 -30.09 -16.20 19.50
N LEU B 252 -29.01 -16.17 20.28
CA LEU B 252 -29.07 -16.73 21.62
C LEU B 252 -30.23 -16.06 22.39
N GLY B 253 -31.21 -16.85 22.81
CA GLY B 253 -32.35 -16.32 23.55
C GLY B 253 -33.41 -15.65 22.69
N LYS B 254 -33.18 -15.58 21.38
CA LYS B 254 -34.14 -14.95 20.47
C LYS B 254 -34.46 -15.86 19.29
N PRO B 255 -35.35 -16.85 19.51
CA PRO B 255 -35.77 -17.83 18.52
C PRO B 255 -36.50 -17.29 17.29
N ASP B 256 -37.12 -16.13 17.43
CA ASP B 256 -37.86 -15.53 16.34
C ASP B 256 -37.16 -14.39 15.63
N ASN B 257 -35.86 -14.23 15.89
CA ASN B 257 -35.10 -13.15 15.26
C ASN B 257 -35.21 -13.13 13.74
N LYS B 258 -35.41 -11.94 13.18
CA LYS B 258 -35.55 -11.75 11.73
C LYS B 258 -34.47 -10.85 11.08
N GLU B 259 -34.07 -11.24 9.87
CA GLU B 259 -33.07 -10.52 9.09
C GLU B 259 -33.54 -10.51 7.62
N PHE B 260 -32.92 -9.68 6.81
CA PHE B 260 -33.28 -9.62 5.39
C PHE B 260 -32.09 -9.26 4.50
N ILE B 261 -32.17 -9.69 3.24
CA ILE B 261 -31.15 -9.42 2.24
C ILE B 261 -31.85 -8.72 1.09
N SER B 262 -31.39 -7.52 0.73
CA SER B 262 -32.00 -6.75 -0.34
C SER B 262 -31.59 -7.19 -1.73
N HIS B 263 -30.46 -7.88 -1.83
CA HIS B 263 -29.98 -8.34 -3.11
C HIS B 263 -30.49 -9.76 -3.38
N ALA B 264 -31.79 -9.86 -3.65
CA ALA B 264 -32.46 -11.12 -3.95
C ALA B 264 -33.20 -10.94 -5.27
N PHE B 265 -33.48 -12.05 -5.97
CA PHE B 265 -34.16 -11.98 -7.26
C PHE B 265 -35.15 -13.09 -7.60
N LYS B 266 -36.11 -12.76 -8.46
CA LYS B 266 -37.15 -13.68 -8.92
C LYS B 266 -37.31 -13.50 -10.45
N ILE B 267 -37.60 -14.58 -11.15
CA ILE B 267 -37.76 -14.51 -12.61
C ILE B 267 -39.18 -14.05 -12.98
N THR B 268 -39.33 -13.39 -14.13
CA THR B 268 -40.65 -12.93 -14.59
C THR B 268 -41.11 -13.80 -15.75
N GLY B 269 -42.34 -13.59 -16.21
CA GLY B 269 -42.83 -14.37 -17.32
C GLY B 269 -41.96 -14.10 -18.53
N GLU B 270 -41.64 -12.83 -18.72
CA GLU B 270 -40.82 -12.37 -19.83
C GLU B 270 -39.46 -13.04 -19.79
N GLY B 271 -38.89 -13.16 -18.59
CA GLY B 271 -37.59 -13.79 -18.43
C GLY B 271 -37.60 -15.28 -18.74
N LEU B 272 -38.75 -15.92 -18.56
CA LEU B 272 -38.89 -17.34 -18.86
C LEU B 272 -38.97 -17.50 -20.38
N LYS B 273 -39.57 -16.51 -21.05
CA LYS B 273 -39.69 -16.52 -22.50
C LYS B 273 -38.30 -16.48 -23.12
N VAL B 274 -37.42 -15.67 -22.52
CA VAL B 274 -36.05 -15.54 -23.00
C VAL B 274 -35.24 -16.80 -22.74
N LEU B 275 -35.53 -17.49 -21.64
CA LEU B 275 -34.82 -18.70 -21.30
C LEU B 275 -35.31 -19.90 -22.11
N ARG B 276 -36.62 -20.03 -22.23
CA ARG B 276 -37.20 -21.14 -22.98
C ARG B 276 -36.68 -21.12 -24.41
N ARG B 277 -36.64 -19.93 -25.00
CA ARG B 277 -36.14 -19.78 -26.36
C ARG B 277 -34.65 -20.14 -26.44
N ALA B 278 -33.92 -19.89 -25.36
CA ALA B 278 -32.49 -20.20 -25.32
C ALA B 278 -32.27 -21.68 -25.12
N LYS B 279 -33.32 -22.38 -24.70
CA LYS B 279 -33.22 -23.82 -24.48
C LYS B 279 -33.75 -24.60 -25.68
N GLY B 280 -34.18 -23.89 -26.72
CA GLY B 280 -34.68 -24.55 -27.91
C GLY B 280 -36.07 -25.15 -27.81
N SER B 281 -36.77 -24.92 -26.71
CA SER B 281 -38.11 -25.47 -26.60
C SER B 281 -39.09 -24.43 -27.15
N THR B 282 -38.59 -23.63 -28.10
CA THR B 282 -39.34 -22.55 -28.73
C THR B 282 -39.36 -22.67 -30.25
N LYS B 283 -40.22 -21.89 -30.92
CA LYS B 283 -40.31 -21.91 -32.39
C LYS B 283 -39.47 -20.79 -33.01
N PHE B 284 -38.60 -20.20 -32.20
CA PHE B 284 -37.71 -19.12 -32.62
C PHE B 284 -36.29 -19.67 -32.59
N THR B 285 -35.46 -19.26 -33.52
CA THR B 285 -34.10 -19.75 -33.51
C THR B 285 -33.48 -19.14 -32.24
N ARG B 286 -32.50 -19.82 -31.66
CA ARG B 286 -31.85 -19.34 -30.45
C ARG B 286 -30.89 -18.21 -30.73
N VAL B 287 -30.68 -17.35 -29.75
CA VAL B 287 -29.75 -16.25 -29.90
C VAL B 287 -28.35 -16.86 -29.73
N PRO B 288 -27.47 -16.73 -30.74
CA PRO B 288 -26.12 -17.31 -30.60
C PRO B 288 -25.34 -16.68 -29.44
N LYS B 289 -24.77 -17.53 -28.60
CA LYS B 289 -24.00 -17.08 -27.44
C LYS B 289 -22.56 -16.77 -27.81
N ARG B 290 -22.04 -15.69 -27.25
CA ARG B 290 -20.66 -15.27 -27.51
C ARG B 290 -19.78 -15.71 -26.33
N VAL B 291 -18.72 -16.45 -26.66
CA VAL B 291 -17.79 -16.94 -25.65
C VAL B 291 -16.40 -16.58 -26.10
N TYR B 292 -15.63 -15.91 -25.24
CA TYR B 292 -14.27 -15.53 -25.59
C TYR B 292 -13.27 -16.08 -24.58
N TRP B 293 -12.07 -16.38 -25.06
CA TRP B 293 -10.98 -16.92 -24.27
C TRP B 293 -10.75 -16.15 -22.97
N GLU B 294 -10.70 -14.82 -23.07
CA GLU B 294 -10.46 -13.96 -21.91
C GLU B 294 -11.53 -14.07 -20.83
N MET B 295 -12.53 -14.93 -21.05
CA MET B 295 -13.61 -15.07 -20.07
C MET B 295 -13.58 -16.40 -19.29
N LEU B 296 -12.75 -17.34 -19.73
CA LEU B 296 -12.68 -18.64 -19.08
C LEU B 296 -11.82 -18.73 -17.82
N ALA B 297 -11.45 -17.56 -17.27
CA ALA B 297 -10.66 -17.48 -16.04
C ALA B 297 -10.32 -16.02 -15.80
N THR B 298 -10.15 -15.63 -14.54
CA THR B 298 -9.83 -14.24 -14.23
C THR B 298 -8.67 -14.13 -13.26
N ASN B 299 -8.97 -13.85 -11.99
CA ASN B 299 -7.97 -13.68 -10.95
C ASN B 299 -7.28 -15.00 -10.58
N LEU B 300 -6.71 -15.67 -11.58
CA LEU B 300 -6.04 -16.97 -11.41
C LEU B 300 -4.57 -16.87 -11.91
N THR B 301 -3.61 -17.12 -11.02
CA THR B 301 -2.20 -17.04 -11.37
C THR B 301 -1.80 -17.86 -12.60
N ASP B 302 -2.61 -18.87 -12.93
CA ASP B 302 -2.33 -19.72 -14.09
C ASP B 302 -3.48 -19.60 -15.09
N LYS B 303 -4.00 -18.39 -15.25
CA LYS B 303 -5.13 -18.12 -16.14
C LYS B 303 -4.88 -18.38 -17.63
N GLU B 304 -3.69 -18.04 -18.11
CA GLU B 304 -3.35 -18.24 -19.52
C GLU B 304 -3.32 -19.72 -19.92
N TYR B 305 -2.89 -20.57 -19.00
CA TYR B 305 -2.83 -22.00 -19.28
C TYR B 305 -4.20 -22.65 -19.11
N VAL B 306 -4.91 -22.24 -18.06
CA VAL B 306 -6.24 -22.77 -17.74
C VAL B 306 -7.28 -22.25 -18.74
N ARG B 307 -7.14 -21.02 -19.19
CA ARG B 307 -8.06 -20.43 -20.17
C ARG B 307 -7.96 -21.19 -21.48
N THR B 308 -6.73 -21.57 -21.82
CA THR B 308 -6.46 -22.29 -23.05
C THR B 308 -6.95 -23.72 -22.92
N ARG B 309 -6.98 -24.23 -21.68
CA ARG B 309 -7.44 -25.59 -21.45
C ARG B 309 -8.97 -25.71 -21.50
N ARG B 310 -9.68 -24.72 -20.95
CA ARG B 310 -11.13 -24.76 -20.98
C ARG B 310 -11.65 -24.47 -22.39
N ALA B 311 -10.87 -23.74 -23.18
CA ALA B 311 -11.27 -23.40 -24.54
C ALA B 311 -11.22 -24.62 -25.45
N LEU B 312 -10.11 -25.34 -25.41
CA LEU B 312 -9.96 -26.54 -26.22
C LEU B 312 -10.99 -27.62 -25.82
N ILE B 313 -11.38 -27.62 -24.54
CA ILE B 313 -12.39 -28.57 -24.09
C ILE B 313 -13.72 -28.13 -24.69
N LEU B 314 -13.94 -26.82 -24.79
CA LEU B 314 -15.20 -26.32 -25.37
C LEU B 314 -15.22 -26.59 -26.86
N GLU B 315 -14.08 -26.36 -27.50
CA GLU B 315 -13.93 -26.57 -28.94
C GLU B 315 -14.18 -28.03 -29.29
N ILE B 316 -13.53 -28.91 -28.55
CA ILE B 316 -13.66 -30.35 -28.73
C ILE B 316 -15.12 -30.75 -28.60
N LEU B 317 -15.84 -30.08 -27.72
CA LEU B 317 -17.26 -30.38 -27.50
C LEU B 317 -18.13 -29.75 -28.60
N ILE B 318 -17.52 -28.90 -29.41
CA ILE B 318 -18.22 -28.26 -30.53
C ILE B 318 -18.06 -29.14 -31.77
N LYS B 319 -16.89 -29.74 -31.92
CA LYS B 319 -16.59 -30.62 -33.04
C LYS B 319 -16.90 -32.04 -32.61
N ALA B 320 -17.94 -32.21 -31.80
CA ALA B 320 -18.33 -33.52 -31.32
C ALA B 320 -19.77 -33.55 -30.80
N GLY B 321 -20.25 -34.76 -30.54
CA GLY B 321 -21.59 -34.93 -30.04
C GLY B 321 -21.55 -35.47 -28.61
N SER B 322 -21.65 -36.79 -28.47
CA SER B 322 -21.60 -37.42 -27.16
C SER B 322 -20.26 -38.11 -26.96
N LEU B 323 -19.61 -37.80 -25.84
CA LEU B 323 -18.30 -38.38 -25.52
C LEU B 323 -18.12 -38.73 -24.06
N LYS B 324 -17.24 -39.69 -23.81
CA LYS B 324 -16.92 -40.12 -22.45
C LYS B 324 -15.85 -39.17 -21.97
N ILE B 325 -15.67 -39.07 -20.65
CA ILE B 325 -14.66 -38.17 -20.12
C ILE B 325 -13.27 -38.62 -20.55
N GLU B 326 -13.13 -39.92 -20.84
CA GLU B 326 -11.83 -40.47 -21.26
C GLU B 326 -11.52 -40.13 -22.73
N GLN B 327 -12.57 -39.89 -23.51
CA GLN B 327 -12.40 -39.53 -24.92
C GLN B 327 -11.90 -38.10 -24.99
N ILE B 328 -12.58 -37.20 -24.28
CA ILE B 328 -12.17 -35.79 -24.23
C ILE B 328 -10.72 -35.77 -23.74
N GLN B 329 -10.44 -36.61 -22.74
CA GLN B 329 -9.10 -36.70 -22.17
C GLN B 329 -8.09 -36.96 -23.30
N ASP B 330 -8.46 -37.87 -24.21
CA ASP B 330 -7.60 -38.20 -25.36
C ASP B 330 -7.49 -37.00 -26.29
N ASN B 331 -8.64 -36.44 -26.65
CA ASN B 331 -8.66 -35.28 -27.52
C ASN B 331 -7.79 -34.19 -26.91
N LEU B 332 -8.03 -33.86 -25.65
CA LEU B 332 -7.25 -32.81 -24.99
C LEU B 332 -5.76 -33.11 -25.03
N LYS B 333 -5.39 -34.33 -24.65
CA LYS B 333 -4.00 -34.75 -24.63
C LYS B 333 -3.39 -34.71 -26.03
N LYS B 334 -4.25 -34.80 -27.04
CA LYS B 334 -3.83 -34.78 -28.42
C LYS B 334 -3.55 -33.34 -28.81
N LEU B 335 -4.17 -32.41 -28.10
CA LEU B 335 -3.98 -31.00 -28.37
C LEU B 335 -2.83 -30.43 -27.54
N GLY B 336 -2.13 -31.31 -26.82
CA GLY B 336 -1.00 -30.88 -26.01
C GLY B 336 -1.28 -30.59 -24.55
N PHE B 337 -2.35 -31.18 -24.02
CA PHE B 337 -2.72 -30.97 -22.62
C PHE B 337 -3.01 -32.29 -21.92
N ASP B 338 -2.01 -32.78 -21.18
CA ASP B 338 -2.10 -34.04 -20.46
C ASP B 338 -2.73 -33.80 -19.09
N GLU B 339 -4.01 -34.18 -18.95
CA GLU B 339 -4.75 -33.95 -17.71
C GLU B 339 -5.52 -35.14 -17.12
N VAL B 340 -5.70 -35.11 -15.80
CA VAL B 340 -6.47 -36.14 -15.12
C VAL B 340 -7.91 -35.79 -15.45
N ILE B 341 -8.81 -36.78 -15.38
CA ILE B 341 -10.22 -36.58 -15.71
C ILE B 341 -11.01 -35.70 -14.77
N GLU B 342 -10.58 -35.61 -13.52
CA GLU B 342 -11.28 -34.82 -12.52
C GLU B 342 -11.22 -33.31 -12.76
N THR B 343 -10.12 -32.83 -13.34
CA THR B 343 -10.00 -31.41 -13.63
C THR B 343 -10.85 -31.05 -14.83
N ILE B 344 -10.83 -31.92 -15.84
CA ILE B 344 -11.63 -31.71 -17.04
C ILE B 344 -13.07 -31.59 -16.54
N GLU B 345 -13.45 -32.50 -15.65
CA GLU B 345 -14.79 -32.50 -15.07
C GLU B 345 -15.01 -31.16 -14.37
N ASN B 346 -13.99 -30.67 -13.67
CA ASN B 346 -14.09 -29.39 -12.98
C ASN B 346 -14.32 -28.29 -14.02
N ASP B 347 -13.57 -28.34 -15.11
CA ASP B 347 -13.70 -27.36 -16.19
C ASP B 347 -15.12 -27.37 -16.76
N ILE B 348 -15.59 -28.55 -17.20
CA ILE B 348 -16.94 -28.68 -17.75
C ILE B 348 -18.00 -28.26 -16.73
N LYS B 349 -17.67 -28.38 -15.46
CA LYS B 349 -18.57 -27.97 -14.40
C LYS B 349 -18.63 -26.44 -14.37
N GLY B 350 -17.52 -25.79 -14.74
CA GLY B 350 -17.46 -24.33 -14.78
C GLY B 350 -18.17 -23.73 -15.98
N LEU B 351 -18.08 -24.44 -17.12
CA LEU B 351 -18.72 -24.00 -18.37
C LEU B 351 -20.23 -23.97 -18.20
N ILE B 352 -20.74 -24.94 -17.45
CA ILE B 352 -22.17 -25.05 -17.18
C ILE B 352 -22.65 -23.91 -16.29
N ASN B 353 -21.85 -23.59 -15.27
CA ASN B 353 -22.15 -22.51 -14.35
C ASN B 353 -21.97 -21.15 -15.00
N THR B 354 -21.37 -21.13 -16.19
CA THR B 354 -21.16 -19.87 -16.88
C THR B 354 -22.31 -19.54 -17.85
N GLY B 355 -23.21 -20.49 -18.05
CA GLY B 355 -24.34 -20.27 -18.95
C GLY B 355 -24.39 -21.11 -20.22
N ILE B 356 -23.49 -22.09 -20.34
CA ILE B 356 -23.42 -22.97 -21.50
C ILE B 356 -24.13 -24.29 -21.23
N PHE B 357 -25.07 -24.66 -22.11
CA PHE B 357 -25.81 -25.91 -21.92
C PHE B 357 -25.04 -27.14 -22.40
N ILE B 358 -24.51 -27.87 -21.45
CA ILE B 358 -23.78 -29.09 -21.73
C ILE B 358 -24.63 -30.15 -21.01
N GLU B 359 -25.10 -31.14 -21.76
CA GLU B 359 -25.94 -32.18 -21.17
C GLU B 359 -25.10 -33.34 -20.65
N ILE B 360 -25.47 -33.83 -19.48
CA ILE B 360 -24.76 -34.96 -18.89
C ILE B 360 -25.77 -36.08 -18.64
N LYS B 361 -25.65 -37.13 -19.42
CA LYS B 361 -26.53 -38.28 -19.31
C LYS B 361 -25.64 -39.48 -18.98
N GLY B 362 -25.63 -39.84 -17.71
CA GLY B 362 -24.82 -40.96 -17.27
C GLY B 362 -23.34 -40.68 -17.38
N ARG B 363 -22.69 -41.36 -18.31
CA ARG B 363 -21.26 -41.21 -18.49
C ARG B 363 -20.89 -40.35 -19.70
N PHE B 364 -21.88 -39.94 -20.49
CA PHE B 364 -21.57 -39.14 -21.68
C PHE B 364 -21.89 -37.65 -21.58
N TYR B 365 -21.05 -36.83 -22.23
CA TYR B 365 -21.22 -35.38 -22.27
C TYR B 365 -21.53 -34.96 -23.69
N GLN B 366 -22.51 -34.06 -23.86
CA GLN B 366 -22.86 -33.57 -25.18
C GLN B 366 -23.36 -32.13 -25.14
N LEU B 367 -22.59 -31.23 -25.73
CA LEU B 367 -22.99 -29.84 -25.76
C LEU B 367 -24.33 -29.77 -26.52
N LYS B 368 -25.26 -29.01 -25.96
CA LYS B 368 -26.57 -28.81 -26.56
C LYS B 368 -26.78 -27.32 -26.56
N ASP B 369 -26.04 -26.64 -27.42
CA ASP B 369 -26.11 -25.21 -27.52
C ASP B 369 -25.57 -24.67 -28.82
N HIS B 370 -25.86 -23.38 -29.06
CA HIS B 370 -25.40 -22.70 -30.25
C HIS B 370 -24.46 -21.57 -29.81
N ILE B 371 -23.16 -21.85 -29.87
CA ILE B 371 -22.14 -20.86 -29.49
C ILE B 371 -21.21 -20.57 -30.69
N LEU B 372 -20.92 -19.28 -30.91
CA LEU B 372 -20.07 -18.83 -32.01
C LEU B 372 -18.58 -19.16 -31.89
N GLN B 373 -18.00 -19.54 -33.02
CA GLN B 373 -16.57 -19.87 -33.09
C GLN B 373 -15.78 -18.63 -32.67
N PHE B 374 -14.88 -18.81 -31.72
CA PHE B 374 -14.07 -17.72 -31.19
C PHE B 374 -12.61 -18.09 -31.34
N VAL B 375 -11.73 -17.10 -31.23
CA VAL B 375 -10.30 -17.36 -31.35
C VAL B 375 -9.65 -17.64 -30.00
N ILE B 376 -8.51 -18.30 -30.04
CA ILE B 376 -7.76 -18.63 -28.84
C ILE B 376 -6.37 -18.06 -29.05
N PRO B 377 -6.09 -16.90 -28.43
CA PRO B 377 -4.82 -16.17 -28.50
C PRO B 377 -3.60 -17.06 -28.63
N ASN B 378 -2.61 -16.60 -29.39
CA ASN B 378 -1.38 -17.35 -29.59
C ASN B 378 -0.20 -16.40 -29.64
N LYS B 387 1.70 -26.26 -16.84
CA LYS B 387 0.99 -25.50 -15.77
C LYS B 387 1.90 -25.15 -14.59
N SER B 388 1.40 -24.29 -13.72
CA SER B 388 2.15 -23.87 -12.54
C SER B 388 2.25 -25.03 -11.55
N GLU B 389 3.34 -25.04 -10.80
CA GLU B 389 3.57 -26.08 -9.79
C GLU B 389 2.30 -26.20 -8.94
N LEU B 390 1.55 -25.11 -8.89
CA LEU B 390 0.32 -25.01 -8.10
C LEU B 390 -0.90 -25.64 -8.80
N GLU B 391 -0.90 -25.62 -10.12
CA GLU B 391 -2.01 -26.20 -10.87
C GLU B 391 -1.92 -27.73 -10.81
N GLU B 392 -0.70 -28.25 -10.84
CA GLU B 392 -0.48 -29.69 -10.78
C GLU B 392 -0.87 -30.21 -9.39
N LYS B 393 -0.60 -29.40 -8.38
CA LYS B 393 -0.96 -29.76 -7.01
C LYS B 393 -2.47 -29.79 -6.89
N LYS B 394 -3.14 -28.96 -7.69
CA LYS B 394 -4.58 -28.89 -7.68
C LYS B 394 -5.16 -30.15 -8.31
N SER B 395 -4.54 -30.57 -9.40
CA SER B 395 -4.95 -31.77 -10.13
C SER B 395 -4.70 -32.99 -9.27
N GLU B 396 -3.55 -33.02 -8.60
CA GLU B 396 -3.18 -34.11 -7.71
C GLU B 396 -4.25 -34.36 -6.65
N LEU B 397 -4.58 -33.32 -5.90
CA LEU B 397 -5.59 -33.41 -4.85
C LEU B 397 -6.95 -33.78 -5.42
N ARG B 398 -7.30 -33.20 -6.57
CA ARG B 398 -8.56 -33.47 -7.22
C ARG B 398 -8.63 -34.95 -7.59
N HIS B 399 -7.50 -35.49 -8.03
CA HIS B 399 -7.43 -36.89 -8.40
C HIS B 399 -7.29 -37.78 -7.16
N LYS B 400 -6.63 -37.23 -6.14
CA LYS B 400 -6.37 -37.94 -4.87
C LYS B 400 -7.57 -38.10 -3.95
N LEU B 401 -8.24 -36.97 -3.67
CA LEU B 401 -9.39 -36.97 -2.77
C LEU B 401 -10.70 -37.45 -3.39
N LYS B 402 -11.38 -38.34 -2.67
CA LYS B 402 -12.65 -38.90 -3.12
C LYS B 402 -13.85 -38.56 -2.25
N TYR B 403 -13.61 -37.97 -1.08
CA TYR B 403 -14.70 -37.59 -0.20
C TYR B 403 -14.78 -36.08 0.00
N VAL B 404 -13.71 -35.37 -0.34
CA VAL B 404 -13.66 -33.92 -0.20
C VAL B 404 -14.19 -33.15 -1.40
N PRO B 405 -15.32 -32.43 -1.24
CA PRO B 405 -15.83 -31.69 -2.41
C PRO B 405 -14.68 -30.87 -3.00
N HIS B 406 -14.45 -31.05 -4.30
CA HIS B 406 -13.35 -30.42 -5.01
C HIS B 406 -13.19 -28.90 -4.97
N GLU B 407 -14.24 -28.17 -4.59
CA GLU B 407 -14.13 -26.72 -4.51
C GLU B 407 -13.20 -26.31 -3.37
N TYR B 408 -13.23 -27.07 -2.28
CA TYR B 408 -12.38 -26.76 -1.12
C TYR B 408 -10.90 -26.79 -1.51
N ILE B 409 -10.58 -27.49 -2.59
CA ILE B 409 -9.21 -27.60 -3.06
C ILE B 409 -8.72 -26.25 -3.58
N GLU B 410 -9.66 -25.38 -3.96
CA GLU B 410 -9.31 -24.08 -4.46
C GLU B 410 -8.70 -23.22 -3.36
N LEU B 411 -8.91 -23.63 -2.11
CA LEU B 411 -8.39 -22.86 -0.98
C LEU B 411 -6.88 -22.82 -0.90
N ILE B 412 -6.20 -23.73 -1.58
CA ILE B 412 -4.75 -23.69 -1.52
C ILE B 412 -4.24 -22.49 -2.33
N GLU B 413 -5.10 -21.97 -3.21
CA GLU B 413 -4.79 -20.81 -4.04
C GLU B 413 -5.23 -19.55 -3.31
N ILE B 414 -6.50 -19.55 -2.90
CA ILE B 414 -7.10 -18.42 -2.17
C ILE B 414 -6.29 -18.05 -0.92
N ALA B 415 -5.73 -19.06 -0.26
CA ALA B 415 -4.96 -18.84 0.95
C ALA B 415 -3.65 -18.10 0.71
N ARG B 416 -3.33 -17.86 -0.55
CA ARG B 416 -2.09 -17.15 -0.86
C ARG B 416 -2.37 -15.72 -1.28
N ASN B 417 -3.65 -15.36 -1.37
CA ASN B 417 -4.03 -14.00 -1.74
C ASN B 417 -4.46 -13.24 -0.48
N SER B 418 -3.62 -12.32 -0.04
CA SER B 418 -3.90 -11.52 1.16
C SER B 418 -5.20 -10.71 1.08
N THR B 419 -5.93 -10.84 -0.02
CA THR B 419 -7.21 -10.14 -0.20
C THR B 419 -8.38 -11.10 0.06
N GLN B 420 -8.08 -12.40 0.07
CA GLN B 420 -9.09 -13.44 0.28
C GLN B 420 -9.35 -13.84 1.73
N ASP B 421 -8.89 -13.05 2.69
CA ASP B 421 -9.05 -13.36 4.11
C ASP B 421 -10.44 -13.79 4.56
N ARG B 422 -11.47 -13.08 4.14
CA ARG B 422 -12.84 -13.40 4.54
C ARG B 422 -13.40 -14.72 4.01
N ILE B 423 -13.19 -15.00 2.73
CA ILE B 423 -13.70 -16.23 2.16
C ILE B 423 -12.92 -17.38 2.77
N LEU B 424 -11.72 -17.09 3.25
CA LEU B 424 -10.87 -18.10 3.86
C LEU B 424 -11.39 -18.54 5.22
N GLU B 425 -11.81 -17.58 6.05
CA GLU B 425 -12.31 -17.94 7.38
C GLU B 425 -13.68 -18.60 7.33
N MET B 426 -14.58 -18.11 6.47
CA MET B 426 -15.90 -18.70 6.37
C MET B 426 -15.80 -20.12 5.80
N LYS B 427 -14.98 -20.29 4.78
CA LYS B 427 -14.80 -21.58 4.10
C LYS B 427 -14.07 -22.66 4.92
N VAL B 428 -13.09 -22.26 5.73
CA VAL B 428 -12.34 -23.21 6.55
C VAL B 428 -13.21 -23.72 7.71
N MET B 429 -14.06 -22.84 8.23
CA MET B 429 -14.94 -23.21 9.33
C MET B 429 -16.05 -24.14 8.81
N GLU B 430 -16.51 -23.90 7.59
CA GLU B 430 -17.52 -24.73 6.98
C GLU B 430 -16.96 -26.14 6.82
N PHE B 431 -15.69 -26.21 6.44
CA PHE B 431 -15.04 -27.49 6.24
C PHE B 431 -14.95 -28.24 7.56
N PHE B 432 -14.58 -27.53 8.63
CA PHE B 432 -14.44 -28.10 9.96
C PHE B 432 -15.74 -28.69 10.50
N MET B 433 -16.86 -28.10 10.11
CA MET B 433 -18.15 -28.59 10.57
C MET B 433 -18.72 -29.68 9.64
N LYS B 434 -18.96 -29.31 8.38
CA LYS B 434 -19.52 -30.23 7.40
C LYS B 434 -18.70 -31.47 7.06
N VAL B 435 -17.37 -31.38 7.09
CA VAL B 435 -16.53 -32.53 6.74
C VAL B 435 -15.88 -33.26 7.91
N TYR B 436 -15.34 -32.49 8.87
CA TYR B 436 -14.71 -33.08 10.05
C TYR B 436 -15.81 -33.46 11.02
N GLY B 437 -16.92 -32.73 10.98
CA GLY B 437 -18.02 -33.03 11.88
C GLY B 437 -17.94 -32.34 13.22
N TYR B 438 -17.31 -31.17 13.26
CA TYR B 438 -17.23 -30.41 14.51
C TYR B 438 -18.52 -29.60 14.59
N ARG B 439 -18.84 -29.16 15.79
CA ARG B 439 -20.00 -28.32 15.99
C ARG B 439 -19.36 -26.99 16.37
N GLY B 440 -20.13 -25.91 16.32
CA GLY B 440 -19.58 -24.62 16.66
C GLY B 440 -19.96 -23.66 15.56
N LYS B 441 -19.17 -22.62 15.35
CA LYS B 441 -19.49 -21.68 14.30
C LYS B 441 -18.37 -20.74 13.94
N HIS B 442 -18.60 -19.98 12.87
CA HIS B 442 -17.66 -18.99 12.40
C HIS B 442 -18.04 -17.73 13.16
N LEU B 443 -17.05 -17.00 13.65
CA LEU B 443 -17.29 -15.79 14.41
C LEU B 443 -16.65 -14.64 13.65
N GLY B 444 -15.34 -14.49 13.77
CA GLY B 444 -14.67 -13.41 13.05
C GLY B 444 -14.83 -12.03 13.67
N GLY B 445 -14.20 -11.04 13.05
CA GLY B 445 -14.26 -9.68 13.55
C GLY B 445 -13.03 -9.30 14.37
N SER B 446 -13.03 -8.08 14.90
CA SER B 446 -11.91 -7.59 15.70
C SER B 446 -11.92 -8.10 17.16
N ARG B 447 -13.07 -8.56 17.66
CA ARG B 447 -13.14 -9.05 19.03
C ARG B 447 -13.59 -10.50 19.23
N LYS B 448 -13.48 -11.35 18.19
CA LYS B 448 -13.85 -12.77 18.28
C LYS B 448 -12.87 -13.61 17.47
N PRO B 449 -12.64 -14.87 17.88
CA PRO B 449 -11.71 -15.66 17.07
C PRO B 449 -12.39 -15.85 15.73
N ASP B 450 -11.64 -16.30 14.72
CA ASP B 450 -12.23 -16.52 13.42
C ASP B 450 -13.20 -17.68 13.46
N GLY B 451 -12.97 -18.62 14.37
CA GLY B 451 -13.87 -19.76 14.51
C GLY B 451 -13.87 -20.38 15.90
N ALA B 452 -15.00 -20.94 16.31
CA ALA B 452 -15.09 -21.59 17.61
C ALA B 452 -15.75 -22.94 17.41
N ILE B 453 -14.99 -24.02 17.58
CA ILE B 453 -15.51 -25.35 17.34
C ILE B 453 -15.30 -26.32 18.51
N TYR B 454 -16.17 -27.32 18.61
CA TYR B 454 -16.11 -28.30 19.67
C TYR B 454 -16.72 -29.64 19.26
N THR B 455 -16.35 -30.70 19.98
CA THR B 455 -16.86 -32.02 19.69
C THR B 455 -17.92 -32.45 20.69
N VAL B 456 -18.90 -33.22 20.21
CA VAL B 456 -19.97 -33.73 21.05
C VAL B 456 -20.08 -35.22 20.80
N GLY B 457 -19.60 -36.04 21.75
CA GLY B 457 -19.67 -37.47 21.61
C GLY B 457 -18.31 -38.15 21.45
N SER B 458 -17.26 -37.37 21.57
CA SER B 458 -15.91 -37.92 21.45
C SER B 458 -15.49 -38.41 22.81
N PRO B 459 -14.60 -39.43 22.87
CA PRO B 459 -14.13 -39.98 24.15
C PRO B 459 -13.79 -38.88 25.14
N ILE B 460 -13.13 -37.85 24.64
CA ILE B 460 -12.74 -36.68 25.42
C ILE B 460 -13.16 -35.48 24.59
N ASP B 461 -14.32 -34.91 24.90
CA ASP B 461 -14.85 -33.78 24.15
C ASP B 461 -14.06 -32.51 24.47
N TYR B 462 -13.58 -31.84 23.42
CA TYR B 462 -12.77 -30.64 23.60
C TYR B 462 -13.19 -29.49 22.69
N GLY B 463 -12.71 -28.30 23.00
CA GLY B 463 -13.05 -27.14 22.20
C GLY B 463 -11.86 -26.59 21.44
N VAL B 464 -12.11 -25.75 20.46
CA VAL B 464 -11.01 -25.16 19.68
C VAL B 464 -11.31 -23.72 19.30
N ILE B 465 -10.28 -22.88 19.42
CA ILE B 465 -10.34 -21.47 19.07
C ILE B 465 -9.46 -21.36 17.83
N VAL B 466 -10.05 -20.93 16.70
CA VAL B 466 -9.32 -20.88 15.43
C VAL B 466 -9.12 -19.50 14.79
N ASP B 467 -7.99 -19.34 14.12
CA ASP B 467 -7.65 -18.09 13.43
C ASP B 467 -7.04 -18.47 12.08
N THR B 468 -7.55 -17.88 11.00
CA THR B 468 -7.04 -18.18 9.66
C THR B 468 -6.46 -16.92 9.05
N LYS B 469 -5.45 -17.12 8.21
CA LYS B 469 -4.79 -16.01 7.55
C LYS B 469 -4.36 -16.36 6.13
N ALA B 470 -4.80 -15.53 5.18
CA ALA B 470 -4.46 -15.68 3.76
C ALA B 470 -3.16 -14.88 3.59
N TYR B 471 -2.16 -15.48 2.95
CA TYR B 471 -0.88 -14.81 2.83
C TYR B 471 -0.03 -15.31 1.66
N SER B 472 0.51 -14.40 0.87
CA SER B 472 1.35 -14.80 -0.25
C SER B 472 2.74 -15.15 0.26
N GLY B 473 3.11 -16.42 0.11
CA GLY B 473 4.41 -16.87 0.59
C GLY B 473 4.22 -17.62 1.89
N GLY B 474 5.33 -18.09 2.48
CA GLY B 474 5.24 -18.82 3.72
C GLY B 474 4.93 -17.89 4.87
N TYR B 475 4.12 -18.37 5.82
CA TYR B 475 3.73 -17.58 6.99
C TYR B 475 4.60 -17.96 8.19
N ASN B 476 5.17 -16.95 8.84
CA ASN B 476 6.06 -17.13 9.97
C ASN B 476 5.39 -16.98 11.33
N LEU B 477 4.11 -16.63 11.34
CA LEU B 477 3.38 -16.44 12.60
C LEU B 477 4.01 -15.34 13.47
N PRO B 478 3.80 -14.07 13.09
CA PRO B 478 4.35 -12.94 13.83
C PRO B 478 3.67 -12.70 15.18
N ILE B 479 4.42 -12.12 16.12
CA ILE B 479 3.92 -11.84 17.46
C ILE B 479 2.56 -11.12 17.46
N GLY B 480 2.30 -10.34 16.41
CA GLY B 480 1.03 -9.64 16.32
C GLY B 480 -0.16 -10.59 16.27
N GLN B 481 -0.03 -11.71 15.57
CA GLN B 481 -1.11 -12.68 15.49
C GLN B 481 -1.17 -13.53 16.74
N ALA B 482 -0.03 -13.69 17.40
CA ALA B 482 0.04 -14.46 18.63
C ALA B 482 -0.70 -13.69 19.71
N ASP B 483 -0.54 -12.36 19.68
CA ASP B 483 -1.18 -11.44 20.62
C ASP B 483 -2.69 -11.62 20.61
N GLU B 484 -3.26 -11.63 19.41
CA GLU B 484 -4.69 -11.79 19.22
C GLU B 484 -5.20 -13.14 19.72
N MET B 485 -4.49 -14.23 19.40
CA MET B 485 -4.90 -15.56 19.83
C MET B 485 -4.79 -15.73 21.35
N GLN B 486 -3.80 -15.08 21.95
CA GLN B 486 -3.65 -15.16 23.39
C GLN B 486 -4.89 -14.52 24.03
N ARG B 487 -5.35 -13.42 23.42
CA ARG B 487 -6.52 -12.71 23.92
C ARG B 487 -7.77 -13.56 23.96
N TYR B 488 -8.04 -14.30 22.89
CA TYR B 488 -9.23 -15.14 22.84
C TYR B 488 -9.11 -16.35 23.77
N VAL B 489 -7.94 -16.95 23.80
CA VAL B 489 -7.72 -18.11 24.65
C VAL B 489 -7.89 -17.74 26.11
N GLU B 490 -7.41 -16.55 26.48
CA GLU B 490 -7.49 -16.07 27.86
C GLU B 490 -8.88 -15.52 28.19
N GLU B 491 -9.51 -14.83 27.23
CA GLU B 491 -10.84 -14.26 27.44
C GLU B 491 -11.81 -15.42 27.69
N ASN B 492 -11.49 -16.57 27.12
CA ASN B 492 -12.29 -17.79 27.25
C ASN B 492 -12.07 -18.45 28.63
N GLN B 493 -11.04 -18.01 29.34
CA GLN B 493 -10.73 -18.54 30.66
C GLN B 493 -11.39 -17.71 31.76
N THR B 494 -11.33 -16.39 31.63
CA THR B 494 -11.90 -15.48 32.63
C THR B 494 -13.36 -15.20 32.39
N ARG B 495 -13.78 -15.36 31.14
CA ARG B 495 -15.16 -15.14 30.70
C ARG B 495 -15.87 -14.01 31.45
N ASN B 496 -15.41 -12.77 31.21
CA ASN B 496 -15.93 -11.56 31.84
C ASN B 496 -16.75 -10.70 30.87
N LYS B 497 -18.06 -10.65 31.07
CA LYS B 497 -18.97 -9.88 30.23
C LYS B 497 -18.60 -8.40 30.07
N HIS B 498 -17.70 -7.91 30.92
CA HIS B 498 -17.26 -6.52 30.87
C HIS B 498 -15.94 -6.37 30.11
N ILE B 499 -15.13 -7.42 30.12
CA ILE B 499 -13.88 -7.37 29.38
C ILE B 499 -14.28 -7.51 27.92
N ASN B 500 -15.30 -8.33 27.66
CA ASN B 500 -15.83 -8.53 26.33
C ASN B 500 -17.33 -8.72 26.34
N PRO B 501 -18.09 -7.62 26.13
CA PRO B 501 -19.55 -7.61 26.11
C PRO B 501 -20.23 -8.61 25.16
N ASN B 502 -19.48 -9.10 24.16
CA ASN B 502 -20.05 -10.05 23.20
C ASN B 502 -19.96 -11.49 23.63
N GLU B 503 -19.38 -11.72 24.81
CA GLU B 503 -19.23 -13.06 25.37
C GLU B 503 -19.33 -14.17 24.34
N TRP B 504 -18.44 -14.12 23.35
CA TRP B 504 -18.42 -15.09 22.26
C TRP B 504 -18.24 -16.54 22.69
N TRP B 505 -17.60 -16.76 23.83
CA TRP B 505 -17.33 -18.10 24.37
C TRP B 505 -18.60 -18.89 24.73
N LYS B 506 -19.75 -18.23 24.65
CA LYS B 506 -21.00 -18.87 24.95
C LYS B 506 -21.41 -19.84 23.86
N VAL B 507 -20.52 -20.04 22.89
CA VAL B 507 -20.74 -20.96 21.78
C VAL B 507 -20.44 -22.37 22.29
N TYR B 508 -19.52 -22.47 23.24
CA TYR B 508 -19.12 -23.75 23.82
C TYR B 508 -20.08 -24.26 24.89
N PRO B 509 -20.28 -25.58 24.95
CA PRO B 509 -21.17 -26.11 25.99
C PRO B 509 -20.39 -26.02 27.31
N SER B 510 -21.06 -25.69 28.41
CA SER B 510 -20.39 -25.58 29.73
C SER B 510 -19.54 -26.75 30.16
N SER B 511 -19.88 -27.96 29.72
CA SER B 511 -19.12 -29.13 30.11
C SER B 511 -17.73 -29.17 29.51
N VAL B 512 -17.47 -28.35 28.52
CA VAL B 512 -16.15 -28.32 27.93
C VAL B 512 -15.16 -27.52 28.78
N THR B 513 -14.04 -28.15 29.09
CA THR B 513 -13.00 -27.54 29.91
C THR B 513 -11.65 -27.61 29.23
N GLU B 514 -11.49 -28.57 28.31
CA GLU B 514 -10.22 -28.70 27.62
C GLU B 514 -10.24 -27.93 26.30
N PHE B 515 -9.32 -26.98 26.15
CA PHE B 515 -9.28 -26.18 24.94
C PHE B 515 -7.92 -26.13 24.24
N LYS B 516 -7.98 -25.99 22.92
CA LYS B 516 -6.81 -25.92 22.07
C LYS B 516 -6.89 -24.66 21.22
N PHE B 517 -5.74 -24.22 20.69
CA PHE B 517 -5.76 -23.06 19.81
C PHE B 517 -5.10 -23.46 18.50
N LEU B 518 -5.66 -22.99 17.38
CA LEU B 518 -5.13 -23.36 16.08
C LEU B 518 -5.02 -22.21 15.08
N PHE B 519 -3.92 -22.22 14.33
CA PHE B 519 -3.62 -21.25 13.29
C PHE B 519 -3.62 -21.98 11.94
N VAL B 520 -4.42 -21.48 11.00
CA VAL B 520 -4.52 -22.06 9.65
C VAL B 520 -4.09 -21.05 8.55
N SER B 521 -3.17 -21.48 7.69
CA SER B 521 -2.70 -20.65 6.61
C SER B 521 -2.20 -21.53 5.47
N GLY B 522 -1.96 -20.93 4.31
CA GLY B 522 -1.50 -21.69 3.17
C GLY B 522 -0.37 -22.63 3.55
N HIS B 523 0.65 -22.07 4.21
CA HIS B 523 1.79 -22.87 4.60
C HIS B 523 2.70 -22.05 5.52
N PHE B 524 3.32 -22.74 6.48
CA PHE B 524 4.17 -22.08 7.45
C PHE B 524 5.67 -22.22 7.27
N LYS B 525 6.39 -21.22 7.75
CA LYS B 525 7.84 -21.19 7.68
C LYS B 525 8.32 -20.27 8.80
N GLY B 526 9.62 -20.32 9.07
CA GLY B 526 10.17 -19.47 10.11
C GLY B 526 10.06 -20.04 11.51
N ASN B 527 10.31 -19.17 12.48
CA ASN B 527 10.30 -19.47 13.92
C ASN B 527 8.88 -19.40 14.49
N TYR B 528 7.91 -19.84 13.71
CA TYR B 528 6.52 -19.81 14.14
C TYR B 528 6.31 -20.60 15.42
N LYS B 529 7.18 -21.57 15.67
CA LYS B 529 7.09 -22.43 16.84
C LYS B 529 7.29 -21.77 18.20
N ALA B 530 8.39 -21.02 18.35
CA ALA B 530 8.67 -20.35 19.61
C ALA B 530 7.42 -19.60 20.06
N GLN B 531 6.64 -19.11 19.10
CA GLN B 531 5.42 -18.40 19.45
C GLN B 531 4.48 -19.43 20.12
N LEU B 532 4.41 -20.63 19.55
CA LEU B 532 3.58 -21.69 20.10
C LEU B 532 4.02 -22.03 21.53
N THR B 533 5.30 -22.34 21.68
CA THR B 533 5.88 -22.67 22.97
C THR B 533 5.50 -21.57 23.97
N ARG B 534 5.65 -20.32 23.55
CA ARG B 534 5.33 -19.20 24.42
C ARG B 534 3.85 -19.12 24.82
N LEU B 535 2.96 -19.30 23.85
CA LEU B 535 1.53 -19.23 24.12
C LEU B 535 1.09 -20.37 25.02
N ASN B 536 1.80 -21.50 24.93
CA ASN B 536 1.49 -22.66 25.76
C ASN B 536 1.84 -22.32 27.21
N HIS B 537 3.05 -21.81 27.41
CA HIS B 537 3.57 -21.41 28.71
C HIS B 537 2.67 -20.35 29.35
N ILE B 538 2.13 -19.46 28.53
CA ILE B 538 1.28 -18.41 29.07
C ILE B 538 -0.13 -18.88 29.45
N THR B 539 -0.75 -19.69 28.59
CA THR B 539 -2.12 -20.16 28.77
C THR B 539 -2.38 -21.57 29.33
N ASN B 540 -1.41 -22.46 29.25
CA ASN B 540 -1.58 -23.84 29.73
C ASN B 540 -2.56 -24.58 28.83
N CYS B 541 -2.64 -24.13 27.59
CA CYS B 541 -3.50 -24.73 26.60
C CYS B 541 -2.58 -25.17 25.48
N ASN B 542 -2.89 -26.31 24.85
CA ASN B 542 -2.05 -26.79 23.75
C ASN B 542 -2.56 -26.28 22.43
N GLY B 543 -1.64 -25.95 21.52
CA GLY B 543 -2.05 -25.43 20.24
C GLY B 543 -1.21 -25.93 19.10
N ALA B 544 -1.58 -25.51 17.89
CA ALA B 544 -0.83 -25.93 16.70
C ALA B 544 -1.01 -25.00 15.51
N VAL B 545 -0.32 -25.38 14.43
CA VAL B 545 -0.28 -24.67 13.17
C VAL B 545 -0.64 -25.69 12.08
N LEU B 546 -1.51 -25.30 11.15
CA LEU B 546 -1.93 -26.24 10.09
C LEU B 546 -2.15 -25.64 8.69
N SER B 547 -1.52 -26.25 7.69
CA SER B 547 -1.66 -25.77 6.31
C SER B 547 -2.99 -26.18 5.72
N VAL B 548 -3.44 -25.45 4.72
CA VAL B 548 -4.70 -25.75 4.06
C VAL B 548 -4.59 -27.15 3.45
N GLU B 549 -3.41 -27.52 2.96
CA GLU B 549 -3.24 -28.83 2.37
C GLU B 549 -3.50 -29.93 3.41
N GLU B 550 -2.75 -29.93 4.49
CA GLU B 550 -2.94 -30.93 5.53
C GLU B 550 -4.37 -30.90 6.06
N LEU B 551 -5.00 -29.73 6.02
CA LEU B 551 -6.37 -29.61 6.51
C LEU B 551 -7.30 -30.49 5.66
N LEU B 552 -7.14 -30.41 4.34
CA LEU B 552 -7.96 -31.18 3.40
C LEU B 552 -7.66 -32.67 3.49
N ILE B 553 -6.42 -33.03 3.82
CA ILE B 553 -6.06 -34.42 3.94
C ILE B 553 -6.78 -35.06 5.12
N GLY B 554 -6.78 -34.37 6.25
CA GLY B 554 -7.43 -34.89 7.44
C GLY B 554 -8.94 -35.04 7.33
N GLY B 555 -9.57 -34.14 6.58
CA GLY B 555 -11.02 -34.21 6.43
C GLY B 555 -11.32 -35.40 5.55
N GLU B 556 -10.50 -35.58 4.54
CA GLU B 556 -10.66 -36.70 3.61
C GLU B 556 -10.68 -37.98 4.45
N MET B 557 -9.74 -38.09 5.39
CA MET B 557 -9.61 -39.25 6.27
C MET B 557 -10.78 -39.38 7.24
N ILE B 558 -11.29 -38.26 7.71
CA ILE B 558 -12.42 -38.28 8.63
C ILE B 558 -13.59 -38.95 7.90
N LYS B 559 -13.85 -38.49 6.67
CA LYS B 559 -14.95 -39.03 5.88
C LYS B 559 -14.72 -40.48 5.46
N ALA B 560 -13.45 -40.84 5.29
CA ALA B 560 -13.11 -42.20 4.89
C ALA B 560 -13.30 -43.17 6.06
N GLY B 561 -13.22 -42.64 7.28
CA GLY B 561 -13.37 -43.45 8.48
C GLY B 561 -12.03 -43.99 8.97
N THR B 562 -10.94 -43.38 8.48
CA THR B 562 -9.59 -43.80 8.83
C THR B 562 -8.92 -42.90 9.87
N LEU B 563 -9.66 -41.91 10.36
CA LEU B 563 -9.15 -40.95 11.32
C LEU B 563 -10.28 -40.57 12.26
N THR B 564 -9.93 -40.17 13.48
CA THR B 564 -10.94 -39.78 14.46
C THR B 564 -10.65 -38.38 15.02
N LEU B 565 -11.67 -37.76 15.61
CA LEU B 565 -11.53 -36.44 16.21
C LEU B 565 -10.77 -36.54 17.54
N GLU B 566 -10.52 -37.77 17.99
CA GLU B 566 -9.78 -38.01 19.21
C GLU B 566 -8.32 -37.96 18.80
N GLU B 567 -8.04 -38.52 17.63
CA GLU B 567 -6.69 -38.54 17.08
C GLU B 567 -6.21 -37.15 16.70
N VAL B 568 -7.12 -36.30 16.23
CA VAL B 568 -6.69 -34.93 15.88
C VAL B 568 -6.43 -34.11 17.16
N ARG B 569 -7.14 -34.43 18.24
CA ARG B 569 -6.96 -33.72 19.51
C ARG B 569 -5.54 -33.92 20.02
N ARG B 570 -5.00 -35.10 19.79
CA ARG B 570 -3.65 -35.45 20.22
C ARG B 570 -2.58 -34.89 19.29
N LYS B 571 -3.01 -34.26 18.21
CA LYS B 571 -2.07 -33.69 17.26
C LYS B 571 -1.60 -32.35 17.76
N PHE B 572 -2.39 -31.73 18.64
CA PHE B 572 -2.03 -30.42 19.18
C PHE B 572 -0.92 -30.60 20.19
N ASN B 573 0.30 -30.50 19.68
CA ASN B 573 1.50 -30.67 20.48
C ASN B 573 2.42 -29.48 20.30
N ASN B 574 1.82 -28.29 20.21
CA ASN B 574 2.59 -27.07 20.07
C ASN B 574 3.56 -27.06 18.89
N GLY B 575 3.14 -27.70 17.79
CA GLY B 575 3.96 -27.75 16.60
C GLY B 575 3.06 -27.66 15.37
N GLU B 576 3.55 -28.13 14.23
CA GLU B 576 2.76 -28.12 13.01
C GLU B 576 2.10 -29.49 12.86
N ILE B 577 0.84 -29.53 12.46
CA ILE B 577 0.13 -30.79 12.30
C ILE B 577 0.28 -31.36 10.90
N ASN B 578 0.44 -32.67 10.84
CA ASN B 578 0.57 -33.41 9.58
C ASN B 578 -0.12 -34.74 9.83
N PHE B 579 -1.08 -35.09 8.99
CA PHE B 579 -1.81 -36.34 9.16
C PHE B 579 -1.16 -37.53 8.44
#